data_8G6H
#
_entry.id   8G6H
#
_cell.length_a   1.00
_cell.length_b   1.00
_cell.length_c   1.00
_cell.angle_alpha   90.00
_cell.angle_beta   90.00
_cell.angle_gamma   90.00
#
_symmetry.space_group_name_H-M   'P 1'
#
loop_
_entity.id
_entity.type
_entity.pdbx_description
1 polymer 'Histone H3'
2 polymer 'Histone H4'
3 polymer 'Histone H2A'
4 polymer 'Histone H2B 1.1'
5 polymer '601 DNA (185-MER)'
6 polymer '601 DNA (185-MER)'
7 polymer Ubiquitin
#
loop_
_entity_poly.entity_id
_entity_poly.type
_entity_poly.pdbx_seq_one_letter_code
_entity_poly.pdbx_strand_id
1 'polypeptide(L)'
;MARTKQTARKSTGGKAPRKQLATKAARKSAPATGGVKKPHRYRPGTVALREIRRYQKSTELLIRKLPFQRLVREIAQDF
(MLY)TDLRFQSSAVMALQEASEAYLVALFEDTNLAAIHAKRVTIMPKDIQLARRIRGERA
;
A,E
2 'polypeptide(L)'
;MSGRGKGGKGLGKGGAKRHRKVLRDNIQGITKPAIRRLARRGGVKRISGLIYEETRGVLKVFLENVIRDAVTYTEHAKRK
TVTAMDVVYALKRQGRTLYGFGG
;
B,F
3 'polypeptide(L)'
;MSGRGKQGGKTRAKAKTRSSRAGLQFPVGRVHRLLRKGNYAERVGAGAPVYLAAVLEYLTAEILELAGNAARDNKKTRII
PRHLQLAVRNDEELNKLLGRVTIAQGGVLPNIQSVLLPKKTESSKSAKSK
;
C,G
4 'polypeptide(L)'
;MAKSAPAPKKGSKKAVTKTQKKDGKKRRKTRKESYAIYVYKVLKQVHPDTGISSKAMSIMNSFVNDVFERIAGEASRLAH
YNKRSTITSREIQTAVRLLLPGELAKHAVSEGTKAVTCYTSAK
;
D,H
5 'polydeoxyribonucleotide'
;(DG)(DA)(DC)(DC)(DC)(DT)(DA)(DT)(DA)(DC)(DG)(DC)(DG)(DG)(DC)(DC)(DG)(DC)(DC)(DC)
(DA)(DT)(DC)(DA)(DG)(DA)(DA)(DT)(DC)(DC)(DC)(DG)(DG)(DT)(DG)(DC)(DC)(DG)(DA)(DG)
(DG)(DC)(DC)(DG)(DC)(DT)(DC)(DA)(DA)(DT)(DT)(DG)(DG)(DT)(DC)(DG)(DT)(DA)(DG)(DA)
(DC)(DA)(DG)(DC)(DT)(DC)(DT)(DA)(DG)(DC)(DA)(DC)(DC)(DG)(DC)(DT)(DT)(DA)(DA)(DA)
(DC)(DG)(DC)(DA)(DC)(DG)(DT)(DA)(DC)(DG)(DC)(DG)(DC)(DT)(DG)(DT)(DC)(DC)(DC)(DC)
(DC)(DG)(DC)(DG)(DT)(DT)(DT)(DT)(DA)(DA)(DC)(DC)(DG)(DC)(DC)(DA)(DA)(DG)(DG)(DG)
(DG)(DA)(DT)(DT)(DA)(DC)(DT)(DC)(DC)(DC)(DT)(DA)(DG)(DT)(DC)(DT)(DC)(DC)(DA)(DG)
(DG)(DC)(DA)(DC)(DG)(DT)(DG)(DT)(DC)(DA)(DG)(DA)(DT)(DA)(DT)(DA)(DT)(DA)(DC)(DA)
(DT)(DC)(DG)(DA)(DT)(DT)(DG)(DC)(DC)(DG)(DG)(DT)(DC)(DG)(DC)(DG)(DA)(DA)(DC)(DA)
(DG)(DC)(DG)(DA)(DC)
;
I
6 'polydeoxyribonucleotide'
;(DG)(DT)(DC)(DG)(DC)(DT)(DG)(DT)(DT)(DC)(DG)(DC)(DG)(DA)(DC)(DC)(DG)(DG)(DC)(DA)
(DA)(DT)(DC)(DG)(DA)(DT)(DG)(DT)(DA)(DT)(DA)(DT)(DA)(DT)(DC)(DT)(DG)(DA)(DC)(DA)
(DC)(DG)(DT)(DG)(DC)(DC)(DT)(DG)(DG)(DA)(DG)(DA)(DC)(DT)(DA)(DG)(DG)(DG)(DA)(DG)
(DT)(DA)(DA)(DT)(DC)(DC)(DC)(DC)(DT)(DT)(DG)(DG)(DC)(DG)(DG)(DT)(DT)(DA)(DA)(DA)
(DA)(DC)(DG)(DC)(DG)(DG)(DG)(DG)(DG)(DA)(DC)(DA)(DG)(DC)(DG)(DC)(DG)(DT)(DA)(DC)
(DG)(DT)(DG)(DC)(DG)(DT)(DT)(DT)(DA)(DA)(DG)(DC)(DG)(DG)(DT)(DG)(DC)(DT)(DA)(DG)
(DA)(DG)(DC)(DT)(DG)(DT)(DC)(DT)(DA)(DC)(DG)(DA)(DC)(DC)(DA)(DA)(DT)(DT)(DG)(DA)
(DG)(DC)(DG)(DG)(DC)(DC)(DT)(DC)(DG)(DG)(DC)(DA)(DC)(DC)(DG)(DG)(DG)(DA)(DT)(DT)
(DC)(DT)(DG)(DA)(DT)(DG)(DG)(DG)(DC)(DG)(DG)(DC)(DC)(DG)(DC)(DG)(DT)(DA)(DT)(DA)
(DG)(DG)(DG)(DT)(DC)
;
J
7 'polypeptide(L)' GSHMMQIFVKTLTGKTITLEVEPSDTIENVKAKIQDKEGIPPDQQRLIFAGKQLEDGRTLSDYNIQKESTLHLVLRLRGC K
#
# COMPACT_ATOMS: atom_id res chain seq x y z
N PRO A 39 -38.81 -21.38 37.00
CA PRO A 39 -37.72 -20.44 36.73
C PRO A 39 -37.64 -20.03 35.26
N HIS A 40 -37.87 -18.75 34.97
CA HIS A 40 -37.82 -18.26 33.59
C HIS A 40 -36.41 -18.35 33.04
N ARG A 41 -36.29 -18.84 31.81
CA ARG A 41 -35.00 -19.03 31.17
C ARG A 41 -35.17 -18.99 29.67
N TYR A 42 -34.28 -18.27 28.99
CA TYR A 42 -34.29 -18.20 27.54
C TYR A 42 -33.48 -19.34 26.94
N ARG A 43 -33.87 -19.75 25.73
CA ARG A 43 -33.14 -20.80 25.02
C ARG A 43 -31.84 -20.24 24.46
N PRO A 44 -30.83 -21.10 24.26
CA PRO A 44 -29.57 -20.63 23.69
C PRO A 44 -29.77 -19.99 22.32
N GLY A 45 -29.12 -18.85 22.11
CA GLY A 45 -29.15 -18.14 20.86
C GLY A 45 -30.06 -16.93 20.83
N THR A 46 -30.97 -16.80 21.78
CA THR A 46 -31.87 -15.65 21.80
C THR A 46 -31.17 -14.39 22.29
N VAL A 47 -30.55 -14.46 23.46
CA VAL A 47 -29.83 -13.31 24.00
C VAL A 47 -28.66 -12.94 23.09
N ALA A 48 -28.11 -13.90 22.36
CA ALA A 48 -27.06 -13.60 21.41
C ALA A 48 -27.57 -12.67 20.30
N LEU A 49 -28.74 -12.97 19.76
CA LEU A 49 -29.33 -12.11 18.74
C LEU A 49 -29.69 -10.76 19.32
N ARG A 50 -30.20 -10.73 20.56
CA ARG A 50 -30.49 -9.46 21.21
C ARG A 50 -29.24 -8.60 21.35
N GLU A 51 -28.13 -9.22 21.74
CA GLU A 51 -26.87 -8.49 21.86
C GLU A 51 -26.36 -8.02 20.50
N ILE A 52 -26.53 -8.85 19.47
CA ILE A 52 -26.15 -8.43 18.12
C ILE A 52 -26.92 -7.17 17.73
N ARG A 53 -28.23 -7.16 18.00
CA ARG A 53 -29.03 -5.98 17.67
C ARG A 53 -28.62 -4.77 18.51
N ARG A 54 -28.32 -4.97 19.79
CA ARG A 54 -27.95 -3.85 20.65
C ARG A 54 -26.63 -3.21 20.21
N TYR A 55 -25.60 -4.02 20.02
CA TYR A 55 -24.27 -3.48 19.78
C TYR A 55 -24.05 -3.04 18.34
N GLN A 56 -24.97 -3.35 17.43
CA GLN A 56 -24.91 -2.84 16.06
C GLN A 56 -25.67 -1.54 15.89
N LYS A 57 -26.22 -0.99 16.97
CA LYS A 57 -26.99 0.24 16.93
C LYS A 57 -26.32 1.39 17.69
N SER A 58 -25.43 1.08 18.62
CA SER A 58 -24.73 2.10 19.40
C SER A 58 -23.41 2.48 18.71
N THR A 59 -22.67 3.40 19.32
CA THR A 59 -21.42 3.87 18.76
C THR A 59 -20.29 3.99 19.77
N GLU A 60 -20.50 3.57 21.02
CA GLU A 60 -19.47 3.72 22.04
C GLU A 60 -18.34 2.72 21.82
N LEU A 61 -17.26 2.91 22.57
CA LEU A 61 -16.13 1.99 22.50
C LEU A 61 -16.38 0.79 23.41
N LEU A 62 -15.96 -0.39 22.95
CA LEU A 62 -16.30 -1.65 23.60
C LEU A 62 -15.17 -2.20 24.47
N ILE A 63 -14.10 -1.43 24.67
CA ILE A 63 -12.96 -1.86 25.48
C ILE A 63 -12.73 -0.83 26.57
N ARG A 64 -12.41 -1.32 27.77
CA ARG A 64 -12.08 -0.42 28.88
C ARG A 64 -10.83 0.39 28.53
N LYS A 65 -10.79 1.63 29.01
CA LYS A 65 -9.76 2.57 28.57
C LYS A 65 -8.42 2.36 29.28
N LEU A 66 -8.45 2.15 30.59
CA LEU A 66 -7.21 1.97 31.34
C LEU A 66 -6.40 0.77 30.87
N PRO A 67 -6.97 -0.43 30.69
CA PRO A 67 -6.16 -1.54 30.17
C PRO A 67 -5.55 -1.26 28.81
N PHE A 68 -6.30 -0.62 27.90
CA PHE A 68 -5.76 -0.31 26.59
C PHE A 68 -4.62 0.70 26.68
N GLN A 69 -4.76 1.71 27.54
CA GLN A 69 -3.67 2.66 27.74
C GLN A 69 -2.42 1.97 28.25
N ARG A 70 -2.58 1.06 29.23
CA ARG A 70 -1.44 0.34 29.77
C ARG A 70 -0.78 -0.52 28.68
N LEU A 71 -1.59 -1.19 27.87
CA LEU A 71 -1.04 -2.03 26.80
C LEU A 71 -0.28 -1.20 25.78
N VAL A 72 -0.83 -0.03 25.41
CA VAL A 72 -0.16 0.82 24.44
C VAL A 72 1.18 1.30 24.98
N ARG A 73 1.21 1.71 26.25
CA ARG A 73 2.48 2.16 26.84
C ARG A 73 3.49 1.03 26.87
N GLU A 74 3.06 -0.17 27.26
CA GLU A 74 3.98 -1.31 27.31
C GLU A 74 4.54 -1.62 25.92
N ILE A 75 3.68 -1.60 24.90
CA ILE A 75 4.14 -1.87 23.54
C ILE A 75 5.15 -0.81 23.10
N ALA A 76 4.85 0.47 23.35
CA ALA A 76 5.76 1.53 22.94
C ALA A 76 7.06 1.53 23.72
N GLN A 77 7.09 0.89 24.89
CA GLN A 77 8.33 0.83 25.66
C GLN A 77 9.45 0.09 24.93
N ASP A 78 9.12 -0.74 23.94
CA ASP A 78 10.15 -1.50 23.24
C ASP A 78 10.97 -0.61 22.32
N PHE A 79 10.34 0.35 21.66
CA PHE A 79 11.01 1.16 20.65
C PHE A 79 11.81 2.30 21.26
N THR A 81 12.13 4.23 25.36
CA THR A 81 11.70 4.43 26.73
C THR A 81 11.36 5.90 26.99
N ASP A 82 10.87 6.18 28.20
CA ASP A 82 10.50 7.52 28.65
C ASP A 82 9.81 8.34 27.56
N LEU A 83 8.69 7.80 27.09
CA LEU A 83 7.84 8.47 26.11
C LEU A 83 6.58 8.98 26.77
N ARG A 84 5.94 9.95 26.12
CA ARG A 84 4.67 10.49 26.58
C ARG A 84 3.63 10.43 25.47
N PHE A 85 2.37 10.42 25.86
CA PHE A 85 1.25 10.30 24.93
C PHE A 85 0.22 11.38 25.22
N GLN A 86 -0.28 12.01 24.17
CA GLN A 86 -1.49 12.81 24.28
C GLN A 86 -2.69 11.88 24.42
N SER A 87 -3.73 12.38 25.09
CA SER A 87 -4.95 11.58 25.21
C SER A 87 -5.57 11.30 23.85
N SER A 88 -5.47 12.28 22.94
CA SER A 88 -6.00 12.09 21.59
C SER A 88 -5.31 10.96 20.86
N ALA A 89 -4.01 10.75 21.13
CA ALA A 89 -3.29 9.66 20.48
C ALA A 89 -3.87 8.31 20.88
N VAL A 90 -4.09 8.11 22.18
CA VAL A 90 -4.65 6.85 22.64
C VAL A 90 -6.07 6.67 22.13
N MET A 91 -6.84 7.77 22.07
CA MET A 91 -8.21 7.67 21.54
C MET A 91 -8.20 7.23 20.08
N ALA A 92 -7.32 7.83 19.26
CA ALA A 92 -7.24 7.44 17.86
C ALA A 92 -6.80 5.99 17.71
N LEU A 93 -5.83 5.57 18.53
CA LEU A 93 -5.39 4.18 18.47
C LEU A 93 -6.54 3.23 18.79
N GLN A 94 -7.33 3.55 19.81
CA GLN A 94 -8.45 2.69 20.18
C GLN A 94 -9.48 2.61 19.06
N GLU A 95 -9.81 3.75 18.45
CA GLU A 95 -10.78 3.74 17.36
C GLU A 95 -10.31 2.86 16.21
N ALA A 96 -9.04 3.03 15.80
CA ALA A 96 -8.50 2.23 14.70
C ALA A 96 -8.52 0.73 15.05
N SER A 97 -8.11 0.39 16.27
CA SER A 97 -8.06 -1.02 16.66
C SER A 97 -9.45 -1.65 16.63
N GLU A 98 -10.45 -0.93 17.18
CA GLU A 98 -11.80 -1.49 17.21
C GLU A 98 -12.36 -1.68 15.81
N ALA A 99 -12.15 -0.70 14.92
CA ALA A 99 -12.63 -0.86 13.55
C ALA A 99 -11.98 -2.06 12.87
N TYR A 100 -10.66 -2.21 13.04
CA TYR A 100 -9.95 -3.33 12.43
C TYR A 100 -10.51 -4.66 12.92
N LEU A 101 -10.70 -4.79 14.24
CA LEU A 101 -11.17 -6.07 14.77
C LEU A 101 -12.59 -6.38 14.31
N VAL A 102 -13.46 -5.36 14.22
CA VAL A 102 -14.83 -5.60 13.79
C VAL A 102 -14.86 -6.10 12.35
N ALA A 103 -14.08 -5.45 11.47
CA ALA A 103 -14.05 -5.91 10.07
C ALA A 103 -13.50 -7.33 9.98
N LEU A 104 -12.46 -7.64 10.76
CA LEU A 104 -11.91 -8.98 10.75
C LEU A 104 -12.94 -10.01 11.18
N PHE A 105 -13.73 -9.68 12.20
CA PHE A 105 -14.77 -10.61 12.64
C PHE A 105 -15.86 -10.79 11.60
N GLU A 106 -16.19 -9.75 10.84
CA GLU A 106 -17.16 -9.91 9.75
C GLU A 106 -16.65 -10.91 8.72
N ASP A 107 -15.39 -10.76 8.31
CA ASP A 107 -14.82 -11.72 7.36
C ASP A 107 -14.77 -13.12 7.95
N THR A 108 -14.45 -13.24 9.24
CA THR A 108 -14.42 -14.55 9.89
C THR A 108 -15.80 -15.20 9.88
N ASN A 109 -16.84 -14.43 10.14
CA ASN A 109 -18.20 -14.97 10.09
C ASN A 109 -18.54 -15.48 8.70
N LEU A 110 -18.17 -14.72 7.66
CA LEU A 110 -18.43 -15.20 6.30
C LEU A 110 -17.70 -16.51 6.04
N ALA A 111 -16.43 -16.60 6.44
CA ALA A 111 -15.67 -17.83 6.22
C ALA A 111 -16.29 -19.00 6.98
N ALA A 112 -16.76 -18.76 8.21
CA ALA A 112 -17.39 -19.82 8.98
C ALA A 112 -18.66 -20.31 8.33
N ILE A 113 -19.47 -19.39 7.80
CA ILE A 113 -20.71 -19.81 7.14
C ILE A 113 -20.41 -20.59 5.87
N HIS A 114 -19.35 -20.22 5.15
CA HIS A 114 -19.01 -20.94 3.92
C HIS A 114 -18.81 -22.43 4.15
N ALA A 115 -18.33 -22.81 5.33
CA ALA A 115 -18.07 -24.22 5.65
C ALA A 115 -19.26 -24.90 6.33
N LYS A 116 -20.46 -24.35 6.19
CA LYS A 116 -21.68 -24.91 6.77
C LYS A 116 -21.56 -25.04 8.29
N ARG A 117 -21.36 -23.90 8.94
CA ARG A 117 -21.22 -23.83 10.39
C ARG A 117 -21.79 -22.51 10.88
N VAL A 118 -22.10 -22.46 12.18
CA VAL A 118 -22.51 -21.22 12.83
C VAL A 118 -21.49 -20.77 13.87
N THR A 119 -20.55 -21.62 14.25
CA THR A 119 -19.51 -21.26 15.20
C THR A 119 -18.25 -20.81 14.47
N ILE A 120 -17.65 -19.73 14.95
CA ILE A 120 -16.39 -19.24 14.39
C ILE A 120 -15.24 -19.91 15.11
N MET A 121 -14.21 -20.28 14.36
CA MET A 121 -13.09 -21.06 14.85
C MET A 121 -11.79 -20.44 14.35
N PRO A 122 -10.65 -20.73 14.99
CA PRO A 122 -9.40 -20.07 14.61
C PRO A 122 -9.01 -20.26 13.15
N LYS A 123 -9.35 -21.40 12.55
CA LYS A 123 -9.04 -21.60 11.14
C LYS A 123 -9.76 -20.59 10.26
N ASP A 124 -10.95 -20.17 10.66
CA ASP A 124 -11.66 -19.13 9.89
C ASP A 124 -10.90 -17.81 9.95
N ILE A 125 -10.39 -17.44 11.13
CA ILE A 125 -9.58 -16.23 11.25
C ILE A 125 -8.34 -16.33 10.37
N GLN A 126 -7.67 -17.49 10.40
CA GLN A 126 -6.47 -17.67 9.58
C GLN A 126 -6.78 -17.57 8.09
N LEU A 127 -7.89 -18.18 7.65
CA LEU A 127 -8.26 -18.12 6.25
C LEU A 127 -8.58 -16.70 5.82
N ALA A 128 -9.32 -15.96 6.64
CA ALA A 128 -9.64 -14.57 6.31
C ALA A 128 -8.38 -13.73 6.22
N ARG A 129 -7.48 -13.88 7.19
CA ARG A 129 -6.24 -13.11 7.16
C ARG A 129 -5.39 -13.47 5.95
N ARG A 130 -5.32 -14.76 5.61
CA ARG A 130 -4.51 -15.18 4.47
C ARG A 130 -5.06 -14.65 3.15
N ILE A 131 -6.39 -14.72 2.98
CA ILE A 131 -6.98 -14.24 1.73
C ILE A 131 -6.86 -12.73 1.63
N ARG A 132 -7.01 -12.02 2.75
CA ARG A 132 -6.87 -10.57 2.74
C ARG A 132 -5.46 -10.11 2.37
N GLY A 133 -4.46 -10.98 2.50
CA GLY A 133 -3.10 -10.63 2.17
C GLY A 133 -2.23 -10.24 3.34
N GLU A 134 -2.72 -10.39 4.57
CA GLU A 134 -1.96 -10.03 5.76
C GLU A 134 -1.09 -11.22 6.17
N ARG A 135 0.21 -10.98 6.29
CA ARG A 135 1.15 -12.03 6.66
C ARG A 135 1.10 -12.31 8.16
N LYS B 21 8.14 3.09 34.73
CA LYS B 21 8.01 1.76 35.31
C LYS B 21 7.62 0.73 34.25
N VAL B 22 8.39 -0.34 34.17
CA VAL B 22 8.16 -1.39 33.18
C VAL B 22 7.03 -2.30 33.66
N LEU B 23 6.04 -2.52 32.80
CA LEU B 23 4.90 -3.35 33.11
C LEU B 23 4.71 -4.41 32.03
N ARG B 24 4.17 -5.55 32.42
CA ARG B 24 3.86 -6.66 31.53
C ARG B 24 2.46 -7.17 31.82
N ASP B 25 2.10 -8.30 31.20
CA ASP B 25 0.88 -9.05 31.51
C ASP B 25 -0.34 -8.29 30.99
N ASN B 26 -0.12 -7.09 30.45
CA ASN B 26 -1.20 -6.17 30.08
C ASN B 26 -2.03 -6.64 28.89
N ILE B 27 -1.61 -7.68 28.16
CA ILE B 27 -2.44 -8.18 27.08
C ILE B 27 -3.67 -8.90 27.63
N GLN B 28 -3.58 -9.40 28.87
CA GLN B 28 -4.72 -10.05 29.49
C GLN B 28 -5.76 -9.05 29.99
N GLY B 29 -5.46 -7.75 29.93
CA GLY B 29 -6.46 -6.74 30.26
C GLY B 29 -7.56 -6.64 29.23
N ILE B 30 -7.33 -7.17 28.03
CA ILE B 30 -8.38 -7.30 27.03
C ILE B 30 -9.18 -8.56 27.38
N THR B 31 -10.23 -8.38 28.17
CA THR B 31 -10.94 -9.51 28.75
C THR B 31 -11.78 -10.24 27.70
N LYS B 32 -12.23 -11.43 28.07
CA LYS B 32 -13.11 -12.20 27.19
C LYS B 32 -14.43 -11.50 26.90
N PRO B 33 -15.12 -10.88 27.87
CA PRO B 33 -16.36 -10.15 27.53
C PRO B 33 -16.17 -9.04 26.51
N ALA B 34 -15.03 -8.35 26.54
CA ALA B 34 -14.79 -7.29 25.54
C ALA B 34 -14.69 -7.87 24.15
N ILE B 35 -13.97 -8.98 23.99
CA ILE B 35 -13.87 -9.66 22.70
C ILE B 35 -15.24 -10.16 22.26
N ARG B 36 -16.05 -10.63 23.22
CA ARG B 36 -17.41 -11.04 22.89
C ARG B 36 -18.24 -9.87 22.39
N ARG B 37 -18.09 -8.70 23.01
CA ARG B 37 -18.83 -7.52 22.55
C ARG B 37 -18.40 -7.12 21.14
N LEU B 38 -17.10 -7.18 20.87
CA LEU B 38 -16.62 -6.88 19.52
C LEU B 38 -17.20 -7.87 18.52
N ALA B 39 -17.24 -9.15 18.87
CA ALA B 39 -17.82 -10.15 17.99
C ALA B 39 -19.32 -9.89 17.76
N ARG B 40 -20.03 -9.50 18.82
CA ARG B 40 -21.45 -9.19 18.68
C ARG B 40 -21.66 -8.03 17.72
N ARG B 41 -20.83 -6.99 17.82
CA ARG B 41 -20.90 -5.92 16.82
C ARG B 41 -20.54 -6.43 15.43
N GLY B 42 -19.71 -7.46 15.36
CA GLY B 42 -19.38 -8.06 14.07
C GLY B 42 -20.46 -8.97 13.50
N GLY B 43 -21.49 -9.30 14.27
CA GLY B 43 -22.56 -10.15 13.79
C GLY B 43 -22.40 -11.62 14.08
N VAL B 44 -21.59 -11.98 15.06
CA VAL B 44 -21.30 -13.39 15.36
C VAL B 44 -22.24 -13.86 16.46
N LYS B 45 -22.77 -15.08 16.30
CA LYS B 45 -23.72 -15.67 17.25
C LYS B 45 -23.06 -16.64 18.22
N ARG B 46 -22.20 -17.53 17.72
CA ARG B 46 -21.54 -18.54 18.53
C ARG B 46 -20.03 -18.42 18.36
N ILE B 47 -19.30 -18.52 19.48
CA ILE B 47 -17.86 -18.32 19.51
C ILE B 47 -17.20 -19.54 20.14
N SER B 48 -16.18 -20.07 19.48
CA SER B 48 -15.39 -21.16 20.05
C SER B 48 -14.49 -20.62 21.16
N GLY B 49 -14.07 -21.52 22.05
CA GLY B 49 -13.34 -21.11 23.23
C GLY B 49 -11.89 -20.74 23.01
N LEU B 50 -11.35 -20.98 21.81
CA LEU B 50 -9.96 -20.67 21.52
C LEU B 50 -9.80 -19.41 20.67
N ILE B 51 -10.85 -18.61 20.53
CA ILE B 51 -10.79 -17.44 19.67
C ILE B 51 -10.06 -16.29 20.36
N TYR B 52 -10.11 -16.24 21.69
CA TYR B 52 -9.62 -15.07 22.43
C TYR B 52 -8.10 -14.93 22.32
N GLU B 53 -7.36 -16.04 22.43
CA GLU B 53 -5.91 -15.97 22.34
C GLU B 53 -5.45 -15.47 20.97
N GLU B 54 -6.06 -16.00 19.90
CA GLU B 54 -5.70 -15.55 18.56
C GLU B 54 -6.08 -14.10 18.34
N THR B 55 -7.22 -13.67 18.90
CA THR B 55 -7.60 -12.26 18.81
C THR B 55 -6.56 -11.38 19.47
N ARG B 56 -6.08 -11.79 20.65
CA ARG B 56 -5.03 -11.03 21.33
C ARG B 56 -3.78 -10.94 20.49
N GLY B 57 -3.38 -12.05 19.86
CA GLY B 57 -2.20 -12.01 19.00
C GLY B 57 -2.34 -11.07 17.82
N VAL B 58 -3.50 -11.10 17.17
CA VAL B 58 -3.74 -10.23 16.02
C VAL B 58 -3.69 -8.77 16.44
N LEU B 59 -4.35 -8.45 17.56
CA LEU B 59 -4.33 -7.07 18.04
C LEU B 59 -2.91 -6.62 18.38
N LYS B 60 -2.12 -7.51 18.99
CA LYS B 60 -0.74 -7.16 19.31
C LYS B 60 0.06 -6.82 18.07
N VAL B 61 -0.08 -7.63 17.02
CA VAL B 61 0.67 -7.38 15.79
C VAL B 61 0.29 -6.03 15.19
N PHE B 62 -1.02 -5.77 15.10
CA PHE B 62 -1.49 -4.52 14.51
C PHE B 62 -0.97 -3.31 15.29
N LEU B 63 -1.10 -3.36 16.62
CA LEU B 63 -0.64 -2.25 17.45
C LEU B 63 0.86 -2.05 17.32
N GLU B 64 1.62 -3.14 17.25
CA GLU B 64 3.07 -3.01 17.11
C GLU B 64 3.43 -2.24 15.84
N ASN B 65 2.82 -2.63 14.71
CA ASN B 65 3.13 -1.93 13.46
C ASN B 65 2.81 -0.44 13.55
N VAL B 66 1.58 -0.12 13.99
CA VAL B 66 1.15 1.28 13.99
C VAL B 66 2.02 2.11 14.94
N ILE B 67 2.31 1.56 16.12
CA ILE B 67 3.08 2.31 17.11
C ILE B 67 4.51 2.52 16.64
N ARG B 68 5.10 1.53 15.96
CA ARG B 68 6.44 1.72 15.41
C ARG B 68 6.46 2.89 14.44
N ASP B 69 5.50 2.93 13.51
CA ASP B 69 5.47 4.05 12.56
C ASP B 69 5.27 5.38 13.26
N ALA B 70 4.38 5.43 14.25
CA ALA B 70 4.11 6.68 14.95
C ALA B 70 5.34 7.17 15.70
N VAL B 71 6.08 6.26 16.33
CA VAL B 71 7.27 6.66 17.06
C VAL B 71 8.34 7.17 16.11
N THR B 72 8.48 6.54 14.95
CA THR B 72 9.41 7.07 13.95
C THR B 72 9.04 8.49 13.58
N TYR B 73 7.76 8.74 13.31
CA TYR B 73 7.32 10.09 12.97
C TYR B 73 7.63 11.06 14.10
N THR B 74 7.40 10.65 15.34
CA THR B 74 7.65 11.54 16.48
C THR B 74 9.13 11.88 16.60
N GLU B 75 10.01 10.88 16.47
CA GLU B 75 11.43 11.12 16.67
C GLU B 75 12.05 11.93 15.53
N HIS B 76 11.48 11.87 14.33
CA HIS B 76 12.01 12.74 13.28
C HIS B 76 11.86 14.22 13.63
N ALA B 77 10.80 14.57 14.36
CA ALA B 77 10.53 15.96 14.70
C ALA B 77 11.20 16.40 15.98
N LYS B 78 12.03 15.55 16.60
CA LYS B 78 12.76 15.89 17.82
C LYS B 78 11.82 16.23 18.97
N ARG B 79 10.78 15.41 19.14
CA ARG B 79 9.82 15.57 20.22
C ARG B 79 9.86 14.35 21.14
N LYS B 80 9.52 14.56 22.41
CA LYS B 80 9.45 13.49 23.39
C LYS B 80 8.01 13.09 23.71
N THR B 81 7.04 13.64 22.97
CA THR B 81 5.62 13.36 23.19
C THR B 81 5.00 12.90 21.88
N VAL B 82 4.23 11.82 21.94
CA VAL B 82 3.52 11.31 20.78
C VAL B 82 2.18 12.02 20.67
N THR B 83 1.91 12.60 19.50
CA THR B 83 0.70 13.37 19.26
C THR B 83 -0.27 12.57 18.40
N ALA B 84 -1.49 13.08 18.28
CA ALA B 84 -2.50 12.41 17.45
C ALA B 84 -2.16 12.53 15.97
N MET B 85 -1.46 13.60 15.57
CA MET B 85 -1.08 13.76 14.18
C MET B 85 -0.16 12.64 13.73
N ASP B 86 0.77 12.22 14.60
CA ASP B 86 1.65 11.11 14.26
C ASP B 86 0.85 9.83 14.04
N VAL B 87 -0.15 9.58 14.88
CA VAL B 87 -0.99 8.39 14.73
C VAL B 87 -1.75 8.44 13.41
N VAL B 88 -2.30 9.62 13.08
CA VAL B 88 -3.05 9.76 11.84
C VAL B 88 -2.14 9.52 10.64
N TYR B 89 -0.94 10.10 10.67
CA TYR B 89 0.01 9.91 9.57
C TYR B 89 0.41 8.44 9.42
N ALA B 90 0.67 7.76 10.54
CA ALA B 90 1.03 6.34 10.48
C ALA B 90 -0.12 5.51 9.90
N LEU B 91 -1.35 5.78 10.35
CA LEU B 91 -2.49 5.03 9.85
C LEU B 91 -2.69 5.26 8.35
N LYS B 92 -2.52 6.50 7.91
CA LYS B 92 -2.60 6.77 6.47
C LYS B 92 -1.49 6.04 5.72
N ARG B 93 -0.29 5.96 6.32
CA ARG B 93 0.81 5.25 5.69
C ARG B 93 0.49 3.77 5.52
N GLN B 94 -0.10 3.13 6.53
CA GLN B 94 -0.54 1.76 6.40
C GLN B 94 -1.82 1.61 5.56
N GLY B 95 -2.28 2.67 4.90
CA GLY B 95 -3.45 2.56 4.06
C GLY B 95 -4.76 2.48 4.82
N ARG B 96 -4.86 3.13 5.96
CA ARG B 96 -6.09 3.14 6.77
C ARG B 96 -6.33 4.59 7.19
N THR B 97 -7.06 5.34 6.35
CA THR B 97 -7.38 6.72 6.68
C THR B 97 -8.38 6.78 7.83
N LEU B 98 -8.29 7.85 8.62
CA LEU B 98 -9.12 8.02 9.80
C LEU B 98 -9.59 9.47 9.87
N TYR B 99 -10.90 9.67 9.89
CA TYR B 99 -11.51 10.99 9.92
C TYR B 99 -11.96 11.32 11.35
N GLY B 100 -11.65 12.54 11.79
CA GLY B 100 -12.16 13.02 13.06
C GLY B 100 -11.13 13.61 14.00
N PHE B 101 -9.96 13.02 14.07
CA PHE B 101 -8.89 13.49 14.96
C PHE B 101 -7.94 14.44 14.22
N GLY B 102 -8.50 15.46 13.58
CA GLY B 102 -7.68 16.40 12.83
C GLY B 102 -7.19 15.80 11.52
N GLY B 103 -6.46 16.62 10.78
CA GLY B 103 -5.92 16.19 9.50
C GLY B 103 -6.64 16.81 8.31
N THR C 17 34.37 13.50 -10.20
CA THR C 17 32.92 13.42 -10.06
C THR C 17 32.54 13.15 -8.61
N ARG C 18 31.25 13.32 -8.30
CA ARG C 18 30.78 13.12 -6.94
C ARG C 18 30.67 11.65 -6.56
N SER C 19 30.32 10.79 -7.52
CA SER C 19 30.29 9.35 -7.26
C SER C 19 31.67 8.84 -6.89
N SER C 20 32.71 9.35 -7.57
CA SER C 20 34.08 8.97 -7.25
C SER C 20 34.44 9.41 -5.84
N ARG C 21 34.03 10.62 -5.45
CA ARG C 21 34.31 11.08 -4.09
C ARG C 21 33.60 10.22 -3.06
N ALA C 22 32.34 9.86 -3.31
CA ALA C 22 31.59 9.01 -2.41
C ALA C 22 31.95 7.53 -2.55
N GLY C 23 32.74 7.17 -3.55
CA GLY C 23 33.08 5.78 -3.77
C GLY C 23 31.91 4.90 -4.17
N LEU C 24 31.06 5.39 -5.08
CA LEU C 24 29.87 4.68 -5.50
C LEU C 24 29.97 4.29 -6.97
N GLN C 25 28.98 3.50 -7.41
CA GLN C 25 28.83 3.17 -8.82
C GLN C 25 27.67 3.91 -9.47
N PHE C 26 26.62 4.22 -8.72
CA PHE C 26 25.47 4.93 -9.23
C PHE C 26 25.76 6.44 -9.33
N PRO C 27 25.07 7.15 -10.23
CA PRO C 27 25.40 8.56 -10.45
C PRO C 27 24.78 9.48 -9.41
N VAL C 28 25.61 10.35 -8.85
CA VAL C 28 25.13 11.32 -7.86
C VAL C 28 24.56 12.56 -8.52
N GLY C 29 25.21 13.03 -9.58
CA GLY C 29 24.73 14.23 -10.27
C GLY C 29 23.37 14.02 -10.90
N ARG C 30 23.16 12.87 -11.53
CA ARG C 30 21.87 12.59 -12.14
C ARG C 30 20.77 12.48 -11.09
N VAL C 31 21.06 11.84 -9.95
CA VAL C 31 20.08 11.74 -8.88
C VAL C 31 19.75 13.13 -8.34
N HIS C 32 20.77 13.98 -8.18
CA HIS C 32 20.53 15.35 -7.74
C HIS C 32 19.63 16.10 -8.72
N ARG C 33 19.91 15.96 -10.01
CA ARG C 33 19.10 16.65 -11.02
C ARG C 33 17.66 16.14 -11.01
N LEU C 34 17.48 14.82 -10.88
CA LEU C 34 16.13 14.27 -10.82
C LEU C 34 15.39 14.76 -9.59
N LEU C 35 16.08 14.88 -8.46
CA LEU C 35 15.46 15.42 -7.26
C LEU C 35 15.06 16.87 -7.45
N ARG C 36 15.90 17.66 -8.13
CA ARG C 36 15.62 19.09 -8.26
C ARG C 36 14.48 19.37 -9.24
N LYS C 37 14.34 18.55 -10.28
CA LYS C 37 13.31 18.77 -11.30
C LYS C 37 12.16 17.76 -11.18
N GLY C 38 11.83 17.38 -9.95
CA GLY C 38 10.77 16.42 -9.74
C GLY C 38 9.61 16.95 -8.93
N ASN C 39 9.69 18.24 -8.55
CA ASN C 39 8.66 18.90 -7.74
C ASN C 39 8.46 18.18 -6.41
N TYR C 40 9.56 18.01 -5.67
CA TYR C 40 9.54 17.37 -4.37
C TYR C 40 9.64 18.38 -3.23
N ALA C 41 10.55 19.34 -3.34
CA ALA C 41 10.71 20.39 -2.34
C ALA C 41 11.37 21.58 -3.01
N GLU C 42 11.34 22.72 -2.32
CA GLU C 42 11.90 23.94 -2.86
C GLU C 42 13.42 23.83 -3.05
N ARG C 43 14.11 23.22 -2.08
CA ARG C 43 15.56 23.11 -2.10
C ARG C 43 15.98 21.68 -1.76
N VAL C 44 17.17 21.31 -2.21
CA VAL C 44 17.71 19.97 -2.01
C VAL C 44 19.12 20.10 -1.46
N GLY C 45 19.41 19.40 -0.36
CA GLY C 45 20.71 19.51 0.27
C GLY C 45 21.80 18.74 -0.46
N ALA C 46 23.02 18.88 0.07
CA ALA C 46 24.19 18.29 -0.60
C ALA C 46 24.26 16.78 -0.41
N GLY C 47 23.90 16.28 0.77
CA GLY C 47 24.04 14.87 1.07
C GLY C 47 22.89 13.98 0.67
N ALA C 48 21.74 14.56 0.30
CA ALA C 48 20.59 13.74 -0.07
C ALA C 48 20.85 12.90 -1.30
N PRO C 49 21.41 13.42 -2.41
CA PRO C 49 21.71 12.52 -3.54
C PRO C 49 22.69 11.42 -3.18
N VAL C 50 23.68 11.70 -2.34
CA VAL C 50 24.64 10.68 -1.95
C VAL C 50 23.95 9.56 -1.18
N TYR C 51 23.13 9.93 -0.19
CA TYR C 51 22.40 8.94 0.58
C TYR C 51 21.50 8.08 -0.32
N LEU C 52 20.74 8.74 -1.20
CA LEU C 52 19.79 8.03 -2.03
C LEU C 52 20.50 7.08 -2.99
N ALA C 53 21.60 7.54 -3.59
CA ALA C 53 22.35 6.70 -4.51
C ALA C 53 22.93 5.49 -3.81
N ALA C 54 23.45 5.68 -2.59
CA ALA C 54 23.98 4.54 -1.84
C ALA C 54 22.89 3.52 -1.57
N VAL C 55 21.70 3.98 -1.15
CA VAL C 55 20.63 3.04 -0.83
C VAL C 55 20.20 2.28 -2.09
N LEU C 56 20.06 2.99 -3.21
CA LEU C 56 19.64 2.35 -4.45
C LEU C 56 20.65 1.30 -4.89
N GLU C 57 21.94 1.62 -4.82
CA GLU C 57 22.98 0.68 -5.20
C GLU C 57 22.94 -0.56 -4.31
N TYR C 58 22.72 -0.37 -3.00
CA TYR C 58 22.65 -1.50 -2.09
C TYR C 58 21.51 -2.44 -2.46
N LEU C 59 20.32 -1.88 -2.72
CA LEU C 59 19.18 -2.74 -3.06
C LEU C 59 19.43 -3.48 -4.36
N THR C 60 19.99 -2.79 -5.36
CA THR C 60 20.32 -3.43 -6.63
C THR C 60 21.28 -4.60 -6.41
N ALA C 61 22.31 -4.40 -5.60
CA ALA C 61 23.29 -5.45 -5.35
C ALA C 61 22.65 -6.66 -4.69
N GLU C 62 21.76 -6.42 -3.72
CA GLU C 62 21.08 -7.54 -3.06
C GLU C 62 20.28 -8.38 -4.05
N ILE C 63 19.42 -7.71 -4.83
CA ILE C 63 18.58 -8.45 -5.77
C ILE C 63 19.43 -9.19 -6.79
N LEU C 64 20.48 -8.54 -7.30
CA LEU C 64 21.32 -9.17 -8.31
C LEU C 64 22.08 -10.36 -7.76
N GLU C 65 22.52 -10.29 -6.49
CA GLU C 65 23.20 -11.43 -5.88
C GLU C 65 22.28 -12.64 -5.82
N LEU C 66 21.05 -12.44 -5.32
CA LEU C 66 20.12 -13.56 -5.25
C LEU C 66 19.80 -14.12 -6.64
N ALA C 67 19.58 -13.23 -7.61
CA ALA C 67 19.24 -13.67 -8.96
C ALA C 67 20.40 -14.43 -9.61
N GLY C 68 21.63 -13.99 -9.35
CA GLY C 68 22.78 -14.70 -9.90
C GLY C 68 22.94 -16.09 -9.30
N ASN C 69 22.69 -16.23 -8.00
CA ASN C 69 22.69 -17.57 -7.41
C ASN C 69 21.63 -18.45 -8.05
N ALA C 70 20.42 -17.91 -8.24
CA ALA C 70 19.36 -18.68 -8.89
C ALA C 70 19.75 -19.09 -10.31
N ALA C 71 20.38 -18.17 -11.05
CA ALA C 71 20.80 -18.49 -12.42
C ALA C 71 21.85 -19.59 -12.42
N ARG C 72 22.81 -19.53 -11.49
CA ARG C 72 23.82 -20.57 -11.41
C ARG C 72 23.21 -21.92 -11.07
N ASP C 73 22.13 -21.92 -10.28
CA ASP C 73 21.48 -23.19 -9.94
C ASP C 73 20.97 -23.91 -11.18
N ASN C 74 20.38 -23.18 -12.12
CA ASN C 74 19.82 -23.77 -13.34
C ASN C 74 20.87 -24.08 -14.40
N LYS C 75 22.16 -23.99 -14.06
CA LYS C 75 23.25 -24.20 -15.01
C LYS C 75 23.18 -23.22 -16.18
N LYS C 76 22.86 -21.97 -15.87
CA LYS C 76 22.77 -20.91 -16.86
C LYS C 76 23.83 -19.85 -16.57
N THR C 77 24.19 -19.11 -17.63
CA THR C 77 25.20 -18.07 -17.52
C THR C 77 24.62 -16.66 -17.64
N ARG C 78 23.33 -16.53 -17.97
CA ARG C 78 22.69 -15.24 -18.12
C ARG C 78 21.40 -15.21 -17.32
N ILE C 79 21.08 -14.05 -16.76
CA ILE C 79 19.92 -13.89 -15.90
C ILE C 79 18.71 -13.56 -16.76
N ILE C 80 17.59 -14.22 -16.49
CA ILE C 80 16.34 -14.02 -17.20
C ILE C 80 15.26 -13.71 -16.16
N PRO C 81 14.13 -13.14 -16.58
CA PRO C 81 13.11 -12.73 -15.59
C PRO C 81 12.66 -13.85 -14.66
N ARG C 82 12.72 -15.10 -15.10
CA ARG C 82 12.39 -16.21 -14.20
C ARG C 82 13.30 -16.23 -12.98
N HIS C 83 14.60 -15.98 -13.20
CA HIS C 83 15.54 -15.97 -12.08
C HIS C 83 15.26 -14.81 -11.13
N LEU C 84 14.91 -13.64 -11.68
CA LEU C 84 14.55 -12.52 -10.82
C LEU C 84 13.32 -12.83 -9.99
N GLN C 85 12.31 -13.46 -10.60
CA GLN C 85 11.11 -13.84 -9.85
C GLN C 85 11.43 -14.84 -8.76
N LEU C 86 12.26 -15.84 -9.07
CA LEU C 86 12.64 -16.83 -8.07
C LEU C 86 13.41 -16.20 -6.93
N ALA C 87 14.29 -15.24 -7.24
CA ALA C 87 15.04 -14.55 -6.19
C ALA C 87 14.12 -13.73 -5.30
N VAL C 88 13.18 -13.01 -5.90
CA VAL C 88 12.33 -12.13 -5.11
C VAL C 88 11.36 -12.93 -4.24
N ARG C 89 10.72 -13.95 -4.83
CA ARG C 89 9.66 -14.64 -4.13
C ARG C 89 10.16 -15.53 -3.00
N ASN C 90 11.43 -15.93 -3.03
CA ASN C 90 11.99 -16.82 -2.02
C ASN C 90 12.59 -16.09 -0.83
N ASP C 91 12.62 -14.76 -0.85
CA ASP C 91 13.16 -13.96 0.25
C ASP C 91 12.03 -13.20 0.92
N GLU C 92 12.01 -13.22 2.25
CA GLU C 92 10.88 -12.65 2.99
C GLU C 92 10.86 -11.13 2.88
N GLU C 93 12.01 -10.47 3.06
CA GLU C 93 12.06 -9.02 3.03
C GLU C 93 11.73 -8.48 1.64
N LEU C 94 12.33 -9.09 0.61
CA LEU C 94 12.04 -8.65 -0.76
C LEU C 94 10.59 -8.92 -1.14
N ASN C 95 10.04 -10.06 -0.69
CA ASN C 95 8.64 -10.35 -0.96
C ASN C 95 7.73 -9.33 -0.29
N LYS C 96 8.08 -8.90 0.92
CA LYS C 96 7.30 -7.86 1.58
C LYS C 96 7.43 -6.53 0.83
N LEU C 97 8.63 -6.20 0.36
CA LEU C 97 8.82 -4.94 -0.34
C LEU C 97 8.09 -4.93 -1.68
N LEU C 98 8.28 -5.96 -2.49
CA LEU C 98 7.61 -6.07 -3.78
C LEU C 98 6.40 -6.98 -3.67
N GLY C 99 5.43 -6.55 -2.86
CA GLY C 99 4.26 -7.36 -2.60
C GLY C 99 3.16 -7.24 -3.65
N ARG C 100 3.01 -6.05 -4.22
CA ARG C 100 1.96 -5.77 -5.20
C ARG C 100 2.56 -5.47 -6.56
N VAL C 101 3.57 -6.25 -6.95
CA VAL C 101 4.31 -6.03 -8.19
C VAL C 101 4.26 -7.31 -9.01
N THR C 102 3.98 -7.17 -10.30
CA THR C 102 3.97 -8.29 -11.25
C THR C 102 5.18 -8.17 -12.17
N ILE C 103 5.93 -9.26 -12.29
CA ILE C 103 7.11 -9.30 -13.15
C ILE C 103 6.75 -10.09 -14.40
N ALA C 104 6.92 -9.46 -15.57
CA ALA C 104 6.55 -10.09 -16.83
C ALA C 104 7.43 -11.29 -17.12
N GLN C 105 6.82 -12.34 -17.68
CA GLN C 105 7.52 -13.58 -18.02
C GLN C 105 8.20 -14.18 -16.80
N GLY C 106 7.57 -14.05 -15.64
CA GLY C 106 8.16 -14.54 -14.40
C GLY C 106 7.69 -15.92 -13.99
N GLY C 107 6.39 -16.16 -14.00
CA GLY C 107 5.86 -17.43 -13.56
C GLY C 107 5.46 -17.42 -12.10
N VAL C 108 5.40 -18.61 -11.51
CA VAL C 108 5.01 -18.79 -10.12
C VAL C 108 5.96 -19.76 -9.45
N LEU C 109 5.96 -19.73 -8.11
CA LEU C 109 6.70 -20.71 -7.32
C LEU C 109 5.99 -22.06 -7.36
N PRO C 110 6.73 -23.16 -7.50
CA PRO C 110 6.10 -24.49 -7.41
C PRO C 110 5.55 -24.73 -6.02
N ASN C 111 4.27 -25.05 -5.94
CA ASN C 111 3.61 -25.26 -4.64
C ASN C 111 2.36 -26.09 -4.89
N ILE C 112 2.27 -27.24 -4.23
CA ILE C 112 1.11 -28.12 -4.31
C ILE C 112 0.63 -28.38 -2.88
N GLN C 113 -0.67 -28.22 -2.65
CA GLN C 113 -1.23 -28.49 -1.34
C GLN C 113 -1.12 -29.98 -1.02
N SER C 114 -0.79 -30.28 0.24
CA SER C 114 -0.56 -31.65 0.64
C SER C 114 -1.82 -32.50 0.59
N VAL C 115 -3.00 -31.88 0.64
CA VAL C 115 -4.24 -32.64 0.59
C VAL C 115 -4.43 -33.27 -0.78
N LEU C 116 -3.97 -32.61 -1.83
CA LEU C 116 -4.18 -33.08 -3.20
C LEU C 116 -3.24 -34.21 -3.59
N LEU C 117 -2.17 -34.44 -2.84
CA LEU C 117 -1.21 -35.47 -3.20
C LEU C 117 -1.83 -36.86 -2.96
N PRO C 118 -1.46 -37.84 -3.79
CA PRO C 118 -2.04 -39.18 -3.63
C PRO C 118 -1.60 -39.84 -2.33
N LYS C 119 -2.47 -40.71 -1.82
CA LYS C 119 -2.21 -41.40 -0.57
C LYS C 119 -1.16 -42.50 -0.77
N LYS D 29 15.76 10.54 -33.47
CA LYS D 29 16.48 9.71 -32.51
C LYS D 29 16.84 10.50 -31.26
N THR D 30 15.83 10.88 -30.50
CA THR D 30 16.06 11.62 -29.27
C THR D 30 16.75 10.74 -28.24
N ARG D 31 17.77 11.30 -27.58
CA ARG D 31 18.52 10.55 -26.58
C ARG D 31 17.62 10.11 -25.44
N LYS D 32 17.76 8.85 -25.03
CA LYS D 32 16.97 8.28 -23.95
C LYS D 32 17.91 7.71 -22.90
N GLU D 33 17.72 8.10 -21.65
CA GLU D 33 18.59 7.72 -20.55
C GLU D 33 18.00 6.57 -19.75
N SER D 34 18.86 5.85 -19.05
CA SER D 34 18.46 4.69 -18.25
C SER D 34 19.58 4.38 -17.26
N TYR D 35 19.38 3.29 -16.50
CA TYR D 35 20.31 2.87 -15.47
C TYR D 35 21.10 1.62 -15.87
N ALA D 36 21.17 1.32 -17.17
CA ALA D 36 21.71 0.03 -17.61
C ALA D 36 23.18 -0.14 -17.24
N ILE D 37 24.00 0.89 -17.49
CA ILE D 37 25.44 0.74 -17.30
C ILE D 37 25.79 0.57 -15.84
N TYR D 38 25.11 1.29 -14.95
CA TYR D 38 25.39 1.17 -13.52
C TYR D 38 24.97 -0.18 -12.98
N VAL D 39 23.83 -0.70 -13.43
CA VAL D 39 23.39 -2.03 -13.03
C VAL D 39 24.39 -3.07 -13.52
N TYR D 40 24.88 -2.93 -14.74
CA TYR D 40 25.87 -3.88 -15.24
C TYR D 40 27.17 -3.80 -14.45
N LYS D 41 27.59 -2.59 -14.07
CA LYS D 41 28.79 -2.45 -13.26
C LYS D 41 28.63 -3.15 -11.92
N VAL D 42 27.48 -2.95 -11.27
CA VAL D 42 27.22 -3.61 -9.99
C VAL D 42 27.21 -5.13 -10.16
N LEU D 43 26.59 -5.61 -11.23
CA LEU D 43 26.55 -7.04 -11.48
C LEU D 43 27.95 -7.61 -11.68
N LYS D 44 28.79 -6.93 -12.46
CA LYS D 44 30.16 -7.40 -12.63
C LYS D 44 30.93 -7.33 -11.33
N GLN D 45 30.56 -6.43 -10.42
CA GLN D 45 31.17 -6.43 -9.10
C GLN D 45 30.73 -7.62 -8.27
N VAL D 46 29.47 -8.03 -8.41
CA VAL D 46 28.93 -9.10 -7.58
C VAL D 46 29.28 -10.47 -8.15
N HIS D 47 28.85 -10.74 -9.38
CA HIS D 47 29.16 -11.99 -10.07
C HIS D 47 30.09 -11.69 -11.23
N PRO D 48 31.41 -11.92 -11.08
CA PRO D 48 32.35 -11.47 -12.11
C PRO D 48 32.12 -12.11 -13.47
N ASP D 49 31.57 -13.32 -13.53
CA ASP D 49 31.30 -14.01 -14.79
C ASP D 49 29.82 -14.39 -14.85
N THR D 50 28.99 -13.43 -15.23
CA THR D 50 27.55 -13.63 -15.38
C THR D 50 26.97 -12.46 -16.17
N GLY D 51 26.10 -12.77 -17.14
CA GLY D 51 25.48 -11.78 -17.98
C GLY D 51 24.05 -11.45 -17.57
N ILE D 52 23.38 -10.71 -18.44
CA ILE D 52 21.99 -10.33 -18.25
C ILE D 52 21.36 -10.10 -19.61
N SER D 53 20.06 -10.40 -19.71
CA SER D 53 19.33 -10.25 -20.96
C SER D 53 18.67 -8.87 -21.01
N SER D 54 17.94 -8.63 -22.11
CA SER D 54 17.31 -7.32 -22.29
C SER D 54 16.09 -7.17 -21.39
N LYS D 55 15.26 -8.21 -21.30
CA LYS D 55 14.05 -8.14 -20.49
C LYS D 55 14.39 -7.96 -19.02
N ALA D 56 15.42 -8.67 -18.54
CA ALA D 56 15.84 -8.51 -17.16
C ALA D 56 16.37 -7.10 -16.90
N MET D 57 17.07 -6.53 -17.89
CA MET D 57 17.51 -5.15 -17.76
C MET D 57 16.33 -4.19 -17.67
N SER D 58 15.28 -4.42 -18.46
CA SER D 58 14.09 -3.59 -18.36
C SER D 58 13.46 -3.70 -16.97
N ILE D 59 13.39 -4.92 -16.45
CA ILE D 59 12.81 -5.12 -15.12
C ILE D 59 13.63 -4.38 -14.05
N MET D 60 14.96 -4.47 -14.14
CA MET D 60 15.81 -3.78 -13.18
C MET D 60 15.63 -2.27 -13.26
N ASN D 61 15.53 -1.74 -14.48
CA ASN D 61 15.31 -0.31 -14.67
C ASN D 61 14.02 0.13 -14.00
N SER D 62 12.94 -0.64 -14.23
CA SER D 62 11.66 -0.31 -13.61
C SER D 62 11.75 -0.37 -12.09
N PHE D 63 12.46 -1.37 -11.55
CA PHE D 63 12.60 -1.49 -10.10
C PHE D 63 13.31 -0.27 -9.51
N VAL D 64 14.41 0.15 -10.13
CA VAL D 64 15.16 1.29 -9.62
C VAL D 64 14.30 2.54 -9.65
N ASN D 65 13.60 2.78 -10.77
CA ASN D 65 12.77 3.97 -10.86
C ASN D 65 11.66 3.96 -9.81
N ASP D 66 11.02 2.82 -9.61
CA ASP D 66 9.92 2.73 -8.65
C ASP D 66 10.40 3.01 -7.23
N VAL D 67 11.53 2.43 -6.84
CA VAL D 67 12.04 2.67 -5.48
C VAL D 67 12.43 4.13 -5.31
N PHE D 68 13.03 4.73 -6.33
CA PHE D 68 13.35 6.15 -6.28
C PHE D 68 12.11 6.99 -6.01
N GLU D 69 11.04 6.75 -6.78
CA GLU D 69 9.82 7.53 -6.58
C GLU D 69 9.25 7.35 -5.19
N ARG D 70 9.23 6.11 -4.69
CA ARG D 70 8.67 5.87 -3.36
C ARG D 70 9.44 6.66 -2.29
N ILE D 71 10.76 6.53 -2.28
CA ILE D 71 11.55 7.20 -1.24
C ILE D 71 11.43 8.71 -1.35
N ALA D 72 11.49 9.23 -2.58
CA ALA D 72 11.41 10.68 -2.77
C ALA D 72 10.07 11.24 -2.30
N GLY D 73 8.98 10.55 -2.63
CA GLY D 73 7.68 11.02 -2.18
C GLY D 73 7.54 11.01 -0.68
N GLU D 74 8.01 9.94 -0.03
CA GLU D 74 7.94 9.90 1.43
C GLU D 74 8.74 11.03 2.06
N ALA D 75 9.95 11.30 1.53
CA ALA D 75 10.76 12.38 2.08
C ALA D 75 10.10 13.73 1.87
N SER D 76 9.48 13.94 0.71
CA SER D 76 8.80 15.21 0.45
C SER D 76 7.65 15.42 1.43
N ARG D 77 6.86 14.37 1.68
CA ARG D 77 5.78 14.49 2.66
C ARG D 77 6.33 14.78 4.04
N LEU D 78 7.42 14.11 4.42
CA LEU D 78 8.03 14.36 5.72
C LEU D 78 8.44 15.83 5.86
N ALA D 79 9.07 16.38 4.82
CA ALA D 79 9.46 17.79 4.86
C ALA D 79 8.25 18.70 4.95
N HIS D 80 7.17 18.35 4.25
CA HIS D 80 5.96 19.17 4.29
C HIS D 80 5.33 19.18 5.68
N TYR D 81 5.36 18.04 6.39
CA TYR D 81 4.72 17.97 7.69
C TYR D 81 5.35 18.93 8.69
N ASN D 82 6.68 19.02 8.70
CA ASN D 82 7.41 19.79 9.70
C ASN D 82 7.67 21.23 9.26
N LYS D 83 7.08 21.67 8.17
CA LYS D 83 7.17 23.04 7.68
C LYS D 83 8.63 23.40 7.34
N ARG D 84 9.20 22.59 6.45
CA ARG D 84 10.56 22.80 5.96
C ARG D 84 10.53 22.96 4.45
N SER D 85 11.48 23.73 3.94
CA SER D 85 11.61 23.95 2.51
C SER D 85 12.74 23.15 1.87
N THR D 86 13.47 22.37 2.66
CA THR D 86 14.65 21.66 2.19
C THR D 86 14.51 20.17 2.45
N ILE D 87 15.01 19.37 1.53
CA ILE D 87 15.14 17.92 1.72
C ILE D 87 16.60 17.63 2.04
N THR D 88 16.84 17.04 3.20
CA THR D 88 18.18 16.75 3.68
C THR D 88 18.36 15.23 3.81
N SER D 89 19.55 14.83 4.27
CA SER D 89 19.80 13.41 4.49
C SER D 89 18.97 12.85 5.62
N ARG D 90 18.53 13.69 6.57
CA ARG D 90 17.64 13.24 7.63
C ARG D 90 16.31 12.76 7.07
N GLU D 91 15.75 13.51 6.12
CA GLU D 91 14.49 13.11 5.50
C GLU D 91 14.65 11.79 4.76
N ILE D 92 15.75 11.63 4.03
CA ILE D 92 16.01 10.40 3.29
C ILE D 92 16.14 9.22 4.26
N GLN D 93 16.86 9.42 5.37
CA GLN D 93 17.03 8.35 6.34
C GLN D 93 15.70 7.94 6.96
N THR D 94 14.88 8.92 7.34
CA THR D 94 13.58 8.60 7.94
C THR D 94 12.66 7.92 6.92
N ALA D 95 12.70 8.36 5.66
CA ALA D 95 11.91 7.71 4.63
C ALA D 95 12.34 6.27 4.42
N VAL D 96 13.66 6.02 4.42
CA VAL D 96 14.16 4.65 4.29
C VAL D 96 13.69 3.80 5.46
N ARG D 97 13.73 4.35 6.66
CA ARG D 97 13.26 3.62 7.84
C ARG D 97 11.77 3.31 7.73
N LEU D 98 10.98 4.25 7.23
CA LEU D 98 9.54 4.04 7.14
C LEU D 98 9.17 3.05 6.04
N LEU D 99 9.92 3.02 4.95
CA LEU D 99 9.55 2.20 3.80
C LEU D 99 10.17 0.80 3.87
N LEU D 100 11.47 0.70 4.12
CA LEU D 100 12.15 -0.59 4.07
C LEU D 100 11.86 -1.40 5.32
N PRO D 101 11.51 -2.68 5.19
CA PRO D 101 11.21 -3.50 6.38
C PRO D 101 12.41 -4.30 6.90
N GLY D 102 12.46 -4.43 8.22
CA GLY D 102 13.35 -5.41 8.84
C GLY D 102 14.82 -5.02 8.76
N GLU D 103 15.66 -6.02 8.45
CA GLU D 103 17.10 -5.80 8.41
C GLU D 103 17.52 -5.04 7.16
N LEU D 104 16.67 -5.04 6.13
CA LEU D 104 16.92 -4.22 4.95
C LEU D 104 17.13 -2.76 5.34
N ALA D 105 16.26 -2.25 6.23
CA ALA D 105 16.39 -0.87 6.68
C ALA D 105 17.71 -0.64 7.39
N LYS D 106 18.12 -1.55 8.27
CA LYS D 106 19.37 -1.38 9.00
C LYS D 106 20.56 -1.33 8.06
N HIS D 107 20.66 -2.30 7.14
CA HIS D 107 21.81 -2.33 6.24
C HIS D 107 21.81 -1.14 5.30
N ALA D 108 20.64 -0.73 4.80
CA ALA D 108 20.58 0.43 3.92
C ALA D 108 20.98 1.70 4.64
N VAL D 109 20.54 1.85 5.90
CA VAL D 109 20.90 3.02 6.68
C VAL D 109 22.41 3.06 6.90
N SER D 110 23.00 1.91 7.22
CA SER D 110 24.45 1.87 7.40
C SER D 110 25.19 2.25 6.12
N GLU D 111 24.73 1.72 4.98
CA GLU D 111 25.39 2.04 3.71
C GLU D 111 25.30 3.52 3.41
N GLY D 112 24.12 4.11 3.59
CA GLY D 112 23.96 5.54 3.31
C GLY D 112 24.81 6.40 4.23
N THR D 113 24.87 6.05 5.52
CA THR D 113 25.69 6.80 6.45
C THR D 113 27.16 6.74 6.07
N LYS D 114 27.65 5.55 5.71
CA LYS D 114 29.04 5.42 5.30
C LYS D 114 29.32 6.24 4.05
N ALA D 115 28.41 6.21 3.07
CA ALA D 115 28.62 6.98 1.85
C ALA D 115 28.68 8.48 2.14
N VAL D 116 27.77 8.97 2.98
CA VAL D 116 27.76 10.39 3.29
C VAL D 116 29.02 10.79 4.04
N THR D 117 29.48 9.95 4.98
CA THR D 117 30.71 10.25 5.71
C THR D 117 31.90 10.31 4.77
N CYS D 118 32.00 9.34 3.86
CA CYS D 118 33.11 9.34 2.90
C CYS D 118 33.06 10.58 1.99
N TYR D 119 31.86 10.95 1.55
CA TYR D 119 31.74 12.14 0.68
C TYR D 119 32.15 13.40 1.43
N THR D 120 31.72 13.53 2.69
CA THR D 120 32.08 14.71 3.47
C THR D 120 33.59 14.78 3.71
N SER D 121 34.21 13.64 4.05
CA SER D 121 35.64 13.64 4.33
C SER D 121 36.45 14.04 3.09
N ALA D 122 36.11 13.49 1.93
CA ALA D 122 36.81 13.82 0.70
C ALA D 122 36.36 15.19 0.17
N LYS D 123 37.25 15.83 -0.57
CA LYS D 123 36.95 17.15 -1.14
C LYS D 123 37.73 17.38 -2.43
N HIS E 40 -2.71 -48.62 -22.05
CA HIS E 40 -3.35 -48.72 -20.74
C HIS E 40 -4.25 -47.53 -20.47
N ARG E 41 -4.35 -47.13 -19.20
CA ARG E 41 -5.17 -45.99 -18.82
C ARG E 41 -4.74 -45.54 -17.43
N TYR E 42 -4.49 -44.24 -17.28
CA TYR E 42 -4.16 -43.69 -15.98
C TYR E 42 -5.42 -43.45 -15.15
N ARG E 43 -5.31 -43.67 -13.84
CA ARG E 43 -6.42 -43.41 -12.94
C ARG E 43 -6.67 -41.90 -12.85
N PRO E 44 -7.91 -41.50 -12.58
CA PRO E 44 -8.21 -40.06 -12.51
C PRO E 44 -7.41 -39.37 -11.42
N GLY E 45 -6.95 -38.16 -11.73
CA GLY E 45 -6.18 -37.35 -10.82
C GLY E 45 -4.68 -37.37 -11.04
N THR E 46 -4.17 -38.35 -11.79
CA THR E 46 -2.74 -38.43 -12.04
C THR E 46 -2.28 -37.41 -13.06
N VAL E 47 -2.91 -37.42 -14.25
CA VAL E 47 -2.53 -36.47 -15.28
C VAL E 47 -2.78 -35.04 -14.83
N ALA E 48 -3.77 -34.84 -13.96
CA ALA E 48 -4.00 -33.51 -13.40
C ALA E 48 -2.79 -33.02 -12.62
N LEU E 49 -2.21 -33.90 -11.79
CA LEU E 49 -1.00 -33.54 -11.07
C LEU E 49 0.16 -33.30 -12.03
N ARG E 50 0.24 -34.10 -13.09
CA ARG E 50 1.30 -33.89 -14.09
C ARG E 50 1.19 -32.52 -14.73
N GLU E 51 -0.02 -32.10 -15.09
CA GLU E 51 -0.22 -30.78 -15.67
C GLU E 51 0.06 -29.68 -14.65
N ILE E 52 -0.29 -29.91 -13.38
CA ILE E 52 0.05 -28.94 -12.34
C ILE E 52 1.55 -28.74 -12.27
N ARG E 53 2.31 -29.83 -12.29
CA ARG E 53 3.77 -29.72 -12.24
C ARG E 53 4.33 -29.07 -13.51
N ARG E 54 3.75 -29.39 -14.67
CA ARG E 54 4.29 -28.87 -15.92
C ARG E 54 4.04 -27.38 -16.07
N TYR E 55 2.85 -26.91 -15.72
CA TYR E 55 2.49 -25.52 -15.95
C TYR E 55 2.95 -24.59 -14.84
N GLN E 56 3.37 -25.11 -13.69
CA GLN E 56 3.93 -24.29 -12.62
C GLN E 56 5.43 -24.07 -12.79
N LYS E 57 6.02 -24.60 -13.86
CA LYS E 57 7.44 -24.48 -14.13
C LYS E 57 7.77 -23.63 -15.35
N SER E 58 6.87 -23.59 -16.33
CA SER E 58 7.07 -22.77 -17.51
C SER E 58 6.68 -21.31 -17.23
N THR E 59 6.90 -20.46 -18.23
CA THR E 59 6.62 -19.03 -18.11
C THR E 59 5.83 -18.47 -19.29
N GLU E 60 5.34 -19.33 -20.18
CA GLU E 60 4.66 -18.87 -21.39
C GLU E 60 3.26 -18.35 -21.07
N LEU E 61 2.65 -17.70 -22.05
CA LEU E 61 1.27 -17.25 -21.92
C LEU E 61 0.32 -18.38 -22.30
N LEU E 62 -0.75 -18.51 -21.52
CA LEU E 62 -1.64 -19.66 -21.61
C LEU E 62 -2.91 -19.39 -22.41
N ILE E 63 -3.02 -18.24 -23.05
CA ILE E 63 -4.20 -17.87 -23.83
C ILE E 63 -3.77 -17.52 -25.24
N ARG E 64 -4.56 -17.95 -26.22
CA ARG E 64 -4.26 -17.64 -27.61
C ARG E 64 -4.36 -16.13 -27.84
N LYS E 65 -3.54 -15.63 -28.78
CA LYS E 65 -3.34 -14.19 -28.91
C LYS E 65 -4.45 -13.53 -29.73
N LEU E 66 -4.86 -14.13 -30.84
CA LEU E 66 -5.91 -13.54 -31.67
C LEU E 66 -7.23 -13.38 -30.94
N PRO E 67 -7.74 -14.39 -30.21
CA PRO E 67 -8.99 -14.17 -29.46
C PRO E 67 -8.87 -13.05 -28.43
N PHE E 68 -7.75 -12.97 -27.72
CA PHE E 68 -7.58 -11.92 -26.73
C PHE E 68 -7.54 -10.55 -27.39
N GLN E 69 -6.86 -10.44 -28.53
CA GLN E 69 -6.83 -9.18 -29.27
C GLN E 69 -8.24 -8.75 -29.67
N ARG E 70 -9.01 -9.69 -30.21
CA ARG E 70 -10.39 -9.37 -30.62
C ARG E 70 -11.23 -8.92 -29.45
N LEU E 71 -11.12 -9.62 -28.31
CA LEU E 71 -11.88 -9.25 -27.12
C LEU E 71 -11.50 -7.86 -26.63
N VAL E 72 -10.20 -7.57 -26.61
CA VAL E 72 -9.73 -6.25 -26.17
C VAL E 72 -10.28 -5.15 -27.07
N ARG E 73 -10.24 -5.37 -28.38
CA ARG E 73 -10.74 -4.35 -29.31
C ARG E 73 -12.23 -4.12 -29.12
N GLU E 74 -13.02 -5.19 -29.00
CA GLU E 74 -14.46 -4.95 -28.88
C GLU E 74 -14.81 -4.37 -27.52
N ILE E 75 -14.02 -4.65 -26.48
CA ILE E 75 -14.25 -3.97 -25.20
C ILE E 75 -13.93 -2.49 -25.32
N ALA E 76 -12.80 -2.16 -25.94
CA ALA E 76 -12.40 -0.76 -26.06
C ALA E 76 -13.31 0.06 -26.98
N GLN E 77 -14.01 -0.59 -27.90
CA GLN E 77 -14.87 0.14 -28.83
C GLN E 77 -16.10 0.77 -28.16
N ASP E 78 -16.41 0.39 -26.92
CA ASP E 78 -17.51 1.03 -26.20
C ASP E 78 -17.15 2.40 -25.66
N PHE E 79 -15.95 2.57 -25.14
CA PHE E 79 -15.54 3.83 -24.53
C PHE E 79 -15.19 4.85 -25.59
N THR E 81 -14.72 4.82 -30.18
CA THR E 81 -14.56 4.15 -31.46
C THR E 81 -13.40 4.76 -32.24
N ASP E 82 -13.00 4.09 -33.33
CA ASP E 82 -11.90 4.53 -34.18
C ASP E 82 -10.61 4.69 -33.37
N LEU E 83 -10.16 3.55 -32.84
CA LEU E 83 -9.00 3.50 -31.95
C LEU E 83 -7.98 2.52 -32.48
N ARG E 84 -6.73 2.72 -32.06
CA ARG E 84 -5.61 1.88 -32.46
C ARG E 84 -4.85 1.41 -31.24
N PHE E 85 -4.13 0.28 -31.39
CA PHE E 85 -3.39 -0.32 -30.31
C PHE E 85 -1.98 -0.66 -30.76
N GLN E 86 -1.01 -0.35 -29.91
CA GLN E 86 0.33 -0.89 -30.06
C GLN E 86 0.32 -2.37 -29.67
N SER E 87 1.24 -3.13 -30.27
CA SER E 87 1.35 -4.55 -29.91
C SER E 87 1.76 -4.72 -28.45
N SER E 88 2.68 -3.87 -27.98
CA SER E 88 3.11 -3.93 -26.60
C SER E 88 1.96 -3.69 -25.63
N ALA E 89 0.98 -2.87 -26.02
CA ALA E 89 -0.16 -2.62 -25.15
C ALA E 89 -0.96 -3.89 -24.93
N VAL E 90 -1.23 -4.64 -26.00
CA VAL E 90 -1.96 -5.89 -25.88
C VAL E 90 -1.16 -6.91 -25.09
N MET E 91 0.16 -6.94 -25.31
CA MET E 91 0.99 -7.87 -24.53
C MET E 91 0.92 -7.56 -23.04
N ALA E 92 1.00 -6.28 -22.67
CA ALA E 92 0.93 -5.91 -21.26
C ALA E 92 -0.44 -6.25 -20.67
N LEU E 93 -1.50 -6.00 -21.44
CA LEU E 93 -2.84 -6.34 -20.96
C LEU E 93 -2.95 -7.84 -20.70
N GLN E 94 -2.44 -8.67 -21.61
CA GLN E 94 -2.52 -10.11 -21.44
C GLN E 94 -1.74 -10.56 -20.20
N GLU E 95 -0.54 -10.02 -20.01
CA GLU E 95 0.26 -10.40 -18.84
C GLU E 95 -0.47 -10.06 -17.54
N ALA E 96 -1.01 -8.83 -17.45
CA ALA E 96 -1.70 -8.42 -16.23
C ALA E 96 -2.91 -9.30 -15.96
N SER E 97 -3.73 -9.56 -16.99
CA SER E 97 -4.93 -10.34 -16.79
C SER E 97 -4.60 -11.78 -16.38
N GLU E 98 -3.59 -12.38 -17.00
CA GLU E 98 -3.23 -13.75 -16.64
C GLU E 98 -2.74 -13.84 -15.19
N ALA E 99 -1.91 -12.89 -14.76
CA ALA E 99 -1.46 -12.90 -13.37
C ALA E 99 -2.63 -12.76 -12.42
N TYR E 100 -3.56 -11.85 -12.73
CA TYR E 100 -4.74 -11.67 -11.88
C TYR E 100 -5.53 -12.97 -11.75
N LEU E 101 -5.77 -13.65 -12.88
CA LEU E 101 -6.58 -14.86 -12.85
C LEU E 101 -5.88 -15.96 -12.06
N VAL E 102 -4.56 -16.09 -12.20
CA VAL E 102 -3.84 -17.13 -11.47
C VAL E 102 -3.93 -16.90 -9.96
N ALA E 103 -3.75 -15.65 -9.53
CA ALA E 103 -3.87 -15.36 -8.10
C ALA E 103 -5.28 -15.65 -7.59
N LEU E 104 -6.29 -15.27 -8.38
CA LEU E 104 -7.67 -15.55 -7.99
C LEU E 104 -7.90 -17.04 -7.83
N PHE E 105 -7.35 -17.85 -8.74
CA PHE E 105 -7.52 -19.30 -8.61
C PHE E 105 -6.80 -19.85 -7.39
N GLU E 106 -5.65 -19.30 -7.03
CA GLU E 106 -4.99 -19.73 -5.79
C GLU E 106 -5.89 -19.49 -4.58
N ASP E 107 -6.47 -18.29 -4.48
CA ASP E 107 -7.38 -18.01 -3.37
C ASP E 107 -8.60 -18.92 -3.40
N THR E 108 -9.13 -19.20 -4.60
CA THR E 108 -10.27 -20.08 -4.73
C THR E 108 -9.95 -21.49 -4.24
N ASN E 109 -8.77 -21.99 -4.57
CA ASN E 109 -8.36 -23.31 -4.09
C ASN E 109 -8.27 -23.34 -2.57
N LEU E 110 -7.71 -22.28 -1.98
CA LEU E 110 -7.66 -22.24 -0.52
C LEU E 110 -9.06 -22.28 0.09
N ALA E 111 -9.97 -21.49 -0.46
CA ALA E 111 -11.34 -21.47 0.05
C ALA E 111 -12.01 -22.83 -0.10
N ALA E 112 -11.76 -23.51 -1.23
CA ALA E 112 -12.32 -24.85 -1.43
C ALA E 112 -11.78 -25.84 -0.43
N ILE E 113 -10.48 -25.78 -0.14
CA ILE E 113 -9.90 -26.68 0.85
C ILE E 113 -10.50 -26.42 2.23
N HIS E 114 -10.78 -25.15 2.55
CA HIS E 114 -11.35 -24.83 3.86
C HIS E 114 -12.65 -25.57 4.13
N ALA E 115 -13.45 -25.83 3.09
CA ALA E 115 -14.74 -26.48 3.23
C ALA E 115 -14.68 -27.99 3.08
N LYS E 116 -13.49 -28.57 3.23
CA LYS E 116 -13.29 -30.02 3.13
C LYS E 116 -13.73 -30.56 1.77
N ARG E 117 -13.09 -30.03 0.73
CA ARG E 117 -13.39 -30.42 -0.64
C ARG E 117 -12.11 -30.37 -1.46
N VAL E 118 -12.15 -31.00 -2.63
CA VAL E 118 -11.07 -30.91 -3.61
C VAL E 118 -11.52 -30.28 -4.91
N THR E 119 -12.82 -30.11 -5.13
CA THR E 119 -13.34 -29.46 -6.32
C THR E 119 -13.66 -28.01 -6.02
N ILE E 120 -13.24 -27.11 -6.92
CA ILE E 120 -13.53 -25.70 -6.79
C ILE E 120 -14.88 -25.41 -7.43
N MET E 121 -15.65 -24.51 -6.81
CA MET E 121 -17.00 -24.21 -7.20
C MET E 121 -17.20 -22.69 -7.21
N PRO E 122 -18.23 -22.20 -7.92
CA PRO E 122 -18.40 -20.74 -8.03
C PRO E 122 -18.54 -20.03 -6.69
N LYS E 123 -19.10 -20.70 -5.68
CA LYS E 123 -19.22 -20.09 -4.36
C LYS E 123 -17.85 -19.79 -3.77
N ASP E 124 -16.85 -20.62 -4.07
CA ASP E 124 -15.50 -20.35 -3.58
C ASP E 124 -14.93 -19.08 -4.23
N ILE E 125 -15.16 -18.91 -5.54
CA ILE E 125 -14.75 -17.68 -6.21
C ILE E 125 -15.44 -16.48 -5.59
N GLN E 126 -16.74 -16.60 -5.32
CA GLN E 126 -17.49 -15.48 -4.73
C GLN E 126 -16.95 -15.15 -3.35
N LEU E 127 -16.66 -16.16 -2.53
CA LEU E 127 -16.13 -15.92 -1.19
C LEU E 127 -14.76 -15.24 -1.25
N ALA E 128 -13.89 -15.72 -2.14
CA ALA E 128 -12.57 -15.11 -2.27
C ALA E 128 -12.68 -13.65 -2.69
N ARG E 129 -13.51 -13.37 -3.69
CA ARG E 129 -13.67 -12.00 -4.16
C ARG E 129 -14.28 -11.12 -3.08
N ARG E 130 -15.26 -11.62 -2.33
CA ARG E 130 -15.89 -10.83 -1.29
C ARG E 130 -14.91 -10.52 -0.16
N ILE E 131 -14.10 -11.49 0.26
CA ILE E 131 -13.16 -11.24 1.34
C ILE E 131 -12.05 -10.30 0.87
N ARG E 132 -11.61 -10.43 -0.38
CA ARG E 132 -10.55 -9.56 -0.88
C ARG E 132 -10.99 -8.10 -0.90
N GLY E 133 -12.24 -7.84 -1.26
CA GLY E 133 -12.79 -6.49 -1.27
C GLY E 133 -13.33 -6.04 -2.60
N GLU E 134 -13.11 -6.81 -3.67
CA GLU E 134 -13.64 -6.43 -4.98
C GLU E 134 -15.15 -6.49 -5.01
N ARG E 135 -15.74 -7.51 -4.37
CA ARG E 135 -17.18 -7.69 -4.34
C ARG E 135 -17.75 -7.06 -3.06
N ALA E 136 -18.83 -6.30 -3.21
CA ALA E 136 -19.46 -5.65 -2.07
C ALA E 136 -20.41 -6.61 -1.37
N ASN F 26 -17.10 -12.55 -28.48
CA ASN F 26 -15.67 -12.83 -28.51
C ASN F 26 -15.18 -13.32 -27.16
N ILE F 27 -16.03 -13.20 -26.14
CA ILE F 27 -15.70 -13.74 -24.83
C ILE F 27 -15.65 -15.26 -24.85
N GLN F 28 -16.30 -15.89 -25.83
CA GLN F 28 -16.23 -17.34 -25.98
C GLN F 28 -14.93 -17.79 -26.64
N GLY F 29 -14.12 -16.86 -27.14
CA GLY F 29 -12.80 -17.20 -27.62
C GLY F 29 -11.84 -17.59 -26.51
N ILE F 30 -12.18 -17.26 -25.27
CA ILE F 30 -11.44 -17.76 -24.12
C ILE F 30 -11.95 -19.16 -23.82
N THR F 31 -11.34 -20.17 -24.45
CA THR F 31 -11.88 -21.51 -24.44
C THR F 31 -11.74 -22.15 -23.06
N LYS F 32 -12.47 -23.24 -22.88
CA LYS F 32 -12.39 -24.01 -21.63
C LYS F 32 -11.00 -24.58 -21.37
N PRO F 33 -10.28 -25.16 -22.34
CA PRO F 33 -8.91 -25.63 -22.05
C PRO F 33 -7.97 -24.53 -21.57
N ALA F 34 -8.10 -23.30 -22.06
CA ALA F 34 -7.26 -22.22 -21.58
C ALA F 34 -7.52 -21.93 -20.11
N ILE F 35 -8.79 -21.90 -19.71
CA ILE F 35 -9.12 -21.71 -18.30
C ILE F 35 -8.60 -22.87 -17.47
N ARG F 36 -8.65 -24.09 -18.00
CA ARG F 36 -8.11 -25.24 -17.29
C ARG F 36 -6.60 -25.10 -17.11
N ARG F 37 -5.89 -24.61 -18.12
CA ARG F 37 -4.45 -24.39 -18.01
C ARG F 37 -4.14 -23.34 -16.95
N LEU F 38 -4.93 -22.26 -16.92
CA LEU F 38 -4.74 -21.25 -15.88
C LEU F 38 -4.95 -21.84 -14.50
N ALA F 39 -5.99 -22.67 -14.35
CA ALA F 39 -6.25 -23.32 -13.07
C ALA F 39 -5.11 -24.26 -12.68
N ARG F 40 -4.56 -24.98 -13.66
CA ARG F 40 -3.43 -25.87 -13.39
C ARG F 40 -2.23 -25.08 -12.88
N ARG F 41 -1.95 -23.93 -13.51
CA ARG F 41 -0.88 -23.08 -12.98
C ARG F 41 -1.24 -22.54 -11.61
N GLY F 42 -2.53 -22.42 -11.30
CA GLY F 42 -2.93 -22.01 -9.97
C GLY F 42 -2.91 -23.12 -8.92
N GLY F 43 -2.67 -24.36 -9.33
CA GLY F 43 -2.60 -25.46 -8.39
C GLY F 43 -3.89 -26.19 -8.13
N VAL F 44 -4.85 -26.11 -9.05
CA VAL F 44 -6.17 -26.70 -8.87
C VAL F 44 -6.21 -28.07 -9.54
N LYS F 45 -6.74 -29.06 -8.83
CA LYS F 45 -6.80 -30.43 -9.31
C LYS F 45 -8.11 -30.76 -10.00
N ARG F 46 -9.24 -30.46 -9.36
CA ARG F 46 -10.56 -30.80 -9.87
C ARG F 46 -11.37 -29.52 -10.03
N ILE F 47 -12.10 -29.41 -11.15
CA ILE F 47 -12.80 -28.20 -11.53
C ILE F 47 -14.26 -28.54 -11.81
N SER F 48 -15.18 -27.75 -11.26
CA SER F 48 -16.59 -27.92 -11.53
C SER F 48 -16.93 -27.41 -12.93
N GLY F 49 -18.11 -27.80 -13.41
CA GLY F 49 -18.51 -27.43 -14.76
C GLY F 49 -19.03 -26.03 -14.94
N LEU F 50 -19.29 -25.30 -13.85
CA LEU F 50 -19.85 -23.96 -13.93
C LEU F 50 -18.81 -22.88 -13.63
N ILE F 51 -17.52 -23.23 -13.65
CA ILE F 51 -16.49 -22.26 -13.29
C ILE F 51 -16.15 -21.36 -14.47
N TYR F 52 -16.32 -21.86 -15.70
CA TYR F 52 -15.88 -21.13 -16.88
C TYR F 52 -16.68 -19.84 -17.10
N GLU F 53 -18.00 -19.89 -16.87
CA GLU F 53 -18.82 -18.69 -17.01
C GLU F 53 -18.41 -17.61 -16.02
N GLU F 54 -18.20 -18.01 -14.77
CA GLU F 54 -17.75 -17.07 -13.74
C GLU F 54 -16.41 -16.46 -14.09
N THR F 55 -15.48 -17.29 -14.59
CA THR F 55 -14.17 -16.80 -14.98
C THR F 55 -14.27 -15.77 -16.10
N ARG F 56 -15.13 -16.06 -17.10
CA ARG F 56 -15.32 -15.11 -18.18
C ARG F 56 -15.87 -13.79 -17.66
N GLY F 57 -16.85 -13.85 -16.76
CA GLY F 57 -17.40 -12.61 -16.22
C GLY F 57 -16.38 -11.77 -15.48
N VAL F 58 -15.59 -12.41 -14.60
CA VAL F 58 -14.63 -11.66 -13.82
C VAL F 58 -13.53 -11.07 -14.70
N LEU F 59 -13.09 -11.84 -15.71
CA LEU F 59 -12.09 -11.33 -16.64
C LEU F 59 -12.63 -10.13 -17.40
N LYS F 60 -13.89 -10.20 -17.82
CA LYS F 60 -14.48 -9.08 -18.55
C LYS F 60 -14.53 -7.83 -17.68
N VAL F 61 -14.90 -7.97 -16.42
CA VAL F 61 -14.98 -6.80 -15.53
C VAL F 61 -13.60 -6.17 -15.36
N PHE F 62 -12.58 -7.00 -15.10
CA PHE F 62 -11.22 -6.50 -14.92
C PHE F 62 -10.73 -5.75 -16.16
N LEU F 63 -10.94 -6.37 -17.34
CA LEU F 63 -10.51 -5.73 -18.58
C LEU F 63 -11.23 -4.41 -18.80
N GLU F 64 -12.52 -4.36 -18.49
CA GLU F 64 -13.28 -3.13 -18.69
C GLU F 64 -12.69 -1.99 -17.86
N ASN F 65 -12.42 -2.26 -16.57
CA ASN F 65 -11.84 -1.21 -15.73
C ASN F 65 -10.51 -0.73 -16.31
N VAL F 66 -9.60 -1.66 -16.60
CA VAL F 66 -8.27 -1.25 -17.03
C VAL F 66 -8.32 -0.49 -18.34
N ILE F 67 -9.14 -0.96 -19.29
CA ILE F 67 -9.21 -0.32 -20.60
C ILE F 67 -9.85 1.06 -20.50
N ARG F 68 -10.84 1.23 -19.62
CA ARG F 68 -11.40 2.56 -19.40
C ARG F 68 -10.33 3.54 -18.96
N ASP F 69 -9.54 3.15 -17.95
CA ASP F 69 -8.50 4.06 -17.47
C ASP F 69 -7.46 4.35 -18.56
N ALA F 70 -7.05 3.32 -19.30
CA ALA F 70 -6.04 3.50 -20.34
C ALA F 70 -6.54 4.44 -21.44
N VAL F 71 -7.80 4.29 -21.83
CA VAL F 71 -8.35 5.16 -22.88
C VAL F 71 -8.43 6.60 -22.38
N THR F 72 -8.79 6.80 -21.11
CA THR F 72 -8.78 8.16 -20.58
C THR F 72 -7.40 8.77 -20.67
N TYR F 73 -6.38 8.01 -20.25
CA TYR F 73 -5.01 8.51 -20.35
C TYR F 73 -4.64 8.84 -21.79
N THR F 74 -5.06 8.01 -22.74
CA THR F 74 -4.76 8.26 -24.15
C THR F 74 -5.41 9.55 -24.63
N GLU F 75 -6.67 9.79 -24.24
CA GLU F 75 -7.39 10.95 -24.76
C GLU F 75 -6.87 12.25 -24.17
N HIS F 76 -6.35 12.22 -22.93
CA HIS F 76 -5.77 13.45 -22.41
C HIS F 76 -4.59 13.93 -23.26
N ALA F 77 -3.83 12.98 -23.81
CA ALA F 77 -2.66 13.32 -24.62
C ALA F 77 -2.99 13.64 -26.07
N LYS F 78 -4.26 13.57 -26.46
CA LYS F 78 -4.70 13.91 -27.81
C LYS F 78 -4.08 12.97 -28.85
N ARG F 79 -4.00 11.68 -28.51
CA ARG F 79 -3.53 10.66 -29.42
C ARG F 79 -4.69 9.74 -29.80
N LYS F 80 -4.57 9.11 -30.96
CA LYS F 80 -5.56 8.15 -31.43
C LYS F 80 -5.04 6.71 -31.38
N THR F 81 -3.91 6.49 -30.71
CA THR F 81 -3.31 5.17 -30.58
C THR F 81 -3.00 4.92 -29.11
N VAL F 82 -3.42 3.76 -28.61
CA VAL F 82 -3.17 3.38 -27.22
C VAL F 82 -1.81 2.73 -27.14
N THR F 83 -0.94 3.26 -26.28
CA THR F 83 0.41 2.77 -26.11
C THR F 83 0.53 1.94 -24.83
N ALA F 84 1.70 1.32 -24.66
CA ALA F 84 1.94 0.52 -23.46
C ALA F 84 2.07 1.39 -22.22
N MET F 85 2.52 2.64 -22.39
CA MET F 85 2.66 3.53 -21.24
C MET F 85 1.32 3.81 -20.59
N ASP F 86 0.27 3.99 -21.40
CA ASP F 86 -1.06 4.20 -20.85
C ASP F 86 -1.52 3.00 -20.04
N VAL F 87 -1.24 1.79 -20.54
CA VAL F 87 -1.61 0.58 -19.82
C VAL F 87 -0.87 0.50 -18.49
N VAL F 88 0.43 0.81 -18.51
CA VAL F 88 1.23 0.74 -17.28
C VAL F 88 0.72 1.75 -16.27
N TYR F 89 0.43 2.98 -16.72
CA TYR F 89 -0.08 4.00 -15.80
C TYR F 89 -1.43 3.59 -15.22
N ALA F 90 -2.32 3.06 -16.05
CA ALA F 90 -3.62 2.62 -15.56
C ALA F 90 -3.48 1.52 -14.52
N LEU F 91 -2.62 0.54 -14.81
CA LEU F 91 -2.43 -0.57 -13.87
C LEU F 91 -1.84 -0.08 -12.56
N LYS F 92 -0.88 0.84 -12.62
CA LYS F 92 -0.34 1.41 -11.40
C LYS F 92 -1.41 2.17 -10.62
N ARG F 93 -2.31 2.87 -11.33
CA ARG F 93 -3.42 3.54 -10.67
C ARG F 93 -4.33 2.55 -9.94
N GLN F 94 -4.62 1.42 -10.59
CA GLN F 94 -5.45 0.40 -9.93
C GLN F 94 -4.74 -0.26 -8.75
N GLY F 95 -3.45 -0.07 -8.59
CA GLY F 95 -2.70 -0.70 -7.52
C GLY F 95 -1.95 -1.96 -7.91
N ARG F 96 -1.66 -2.16 -9.20
CA ARG F 96 -0.97 -3.34 -9.70
C ARG F 96 0.19 -2.87 -10.57
N THR F 97 1.35 -2.64 -9.96
CA THR F 97 2.53 -2.26 -10.72
C THR F 97 3.00 -3.42 -11.58
N LEU F 98 3.46 -3.11 -12.79
CA LEU F 98 3.91 -4.11 -13.75
C LEU F 98 5.30 -3.76 -14.23
N TYR F 99 6.24 -4.69 -14.07
CA TYR F 99 7.63 -4.50 -14.43
C TYR F 99 7.93 -5.15 -15.78
N GLY F 100 8.79 -4.50 -16.56
CA GLY F 100 9.29 -5.07 -17.80
C GLY F 100 8.72 -4.50 -19.08
N PHE F 101 7.93 -3.43 -19.01
CA PHE F 101 7.34 -2.84 -20.21
C PHE F 101 7.65 -1.35 -20.32
N GLY F 102 8.67 -0.86 -19.64
CA GLY F 102 9.07 0.52 -19.72
C GLY F 102 8.64 1.41 -18.58
N GLY F 103 8.18 0.84 -17.47
CA GLY F 103 7.73 1.62 -16.34
C GLY F 103 8.79 2.53 -15.74
N ALA G 15 -18.84 42.58 -8.30
CA ALA G 15 -17.99 41.39 -8.36
C ALA G 15 -16.54 41.73 -8.03
N LYS G 16 -16.14 41.43 -6.79
CA LYS G 16 -14.78 41.69 -6.33
C LYS G 16 -14.00 40.41 -6.11
N THR G 17 -14.52 39.50 -5.29
CA THR G 17 -13.86 38.22 -5.09
C THR G 17 -14.07 37.31 -6.29
N ARG G 18 -13.20 36.31 -6.42
CA ARG G 18 -13.30 35.38 -7.53
C ARG G 18 -14.47 34.41 -7.34
N SER G 19 -14.77 34.05 -6.09
CA SER G 19 -15.90 33.17 -5.82
C SER G 19 -17.21 33.81 -6.26
N SER G 20 -17.36 35.11 -6.01
CA SER G 20 -18.56 35.81 -6.45
C SER G 20 -18.67 35.82 -7.96
N ARG G 21 -17.56 36.01 -8.66
CA ARG G 21 -17.58 35.94 -10.12
C ARG G 21 -17.99 34.56 -10.60
N ALA G 22 -17.45 33.51 -9.96
CA ALA G 22 -17.81 32.14 -10.30
C ALA G 22 -19.12 31.69 -9.68
N GLY G 23 -19.67 32.47 -8.76
CA GLY G 23 -20.92 32.10 -8.11
C GLY G 23 -20.83 30.87 -7.22
N LEU G 24 -19.79 30.77 -6.41
CA LEU G 24 -19.59 29.64 -5.53
C LEU G 24 -19.62 30.09 -4.07
N GLN G 25 -19.60 29.11 -3.17
CA GLN G 25 -19.45 29.35 -1.75
C GLN G 25 -18.06 29.03 -1.22
N PHE G 26 -17.37 28.06 -1.83
CA PHE G 26 -16.02 27.73 -1.43
C PHE G 26 -15.04 28.76 -1.97
N PRO G 27 -13.90 28.95 -1.29
CA PRO G 27 -12.97 30.01 -1.71
C PRO G 27 -12.13 29.62 -2.91
N VAL G 28 -11.93 30.59 -3.80
CA VAL G 28 -11.09 30.39 -4.96
C VAL G 28 -9.66 30.86 -4.70
N GLY G 29 -9.51 32.01 -4.02
CA GLY G 29 -8.17 32.50 -3.71
C GLY G 29 -7.41 31.57 -2.80
N ARG G 30 -8.07 31.02 -1.78
CA ARG G 30 -7.40 30.10 -0.87
C ARG G 30 -6.99 28.82 -1.59
N VAL G 31 -7.86 28.31 -2.47
CA VAL G 31 -7.50 27.10 -3.22
C VAL G 31 -6.33 27.38 -4.15
N HIS G 32 -6.32 28.56 -4.77
CA HIS G 32 -5.18 28.95 -5.60
C HIS G 32 -3.90 29.00 -4.79
N ARG G 33 -3.96 29.59 -3.59
CA ARG G 33 -2.77 29.67 -2.75
C ARG G 33 -2.29 28.29 -2.33
N LEU G 34 -3.22 27.40 -1.98
CA LEU G 34 -2.83 26.05 -1.60
C LEU G 34 -2.21 25.32 -2.78
N LEU G 35 -2.75 25.51 -3.98
CA LEU G 35 -2.17 24.88 -5.16
C LEU G 35 -0.76 25.40 -5.43
N ARG G 36 -0.55 26.70 -5.28
CA ARG G 36 0.73 27.29 -5.62
C ARG G 36 1.83 26.96 -4.62
N LYS G 37 1.48 26.50 -3.42
CA LYS G 37 2.48 26.25 -2.37
C LYS G 37 2.54 24.77 -1.97
N GLY G 38 1.79 23.90 -2.64
CA GLY G 38 1.82 22.50 -2.34
C GLY G 38 2.83 21.68 -3.10
N ASN G 39 3.67 22.32 -3.92
CA ASN G 39 4.68 21.65 -4.73
C ASN G 39 4.03 20.63 -5.67
N TYR G 40 3.15 21.13 -6.54
CA TYR G 40 2.46 20.32 -7.52
C TYR G 40 2.93 20.54 -8.95
N ALA G 41 3.15 21.79 -9.35
CA ALA G 41 3.64 22.09 -10.68
C ALA G 41 4.32 23.46 -10.64
N GLU G 42 5.06 23.75 -11.71
CA GLU G 42 5.76 25.03 -11.79
C GLU G 42 4.78 26.20 -11.85
N ARG G 43 3.69 26.06 -12.61
CA ARG G 43 2.71 27.11 -12.80
C ARG G 43 1.31 26.57 -12.61
N VAL G 44 0.38 27.47 -12.34
CA VAL G 44 -1.03 27.13 -12.12
C VAL G 44 -1.88 28.06 -12.96
N GLY G 45 -2.81 27.49 -13.74
CA GLY G 45 -3.65 28.27 -14.61
C GLY G 45 -4.76 29.01 -13.87
N ALA G 46 -5.48 29.85 -14.62
CA ALA G 46 -6.49 30.70 -14.00
C ALA G 46 -7.74 29.91 -13.63
N GLY G 47 -8.16 28.98 -14.48
CA GLY G 47 -9.41 28.27 -14.27
C GLY G 47 -9.33 27.05 -13.37
N ALA G 48 -8.12 26.59 -13.05
CA ALA G 48 -7.97 25.42 -12.20
C ALA G 48 -8.56 25.61 -10.80
N PRO G 49 -8.30 26.72 -10.09
CA PRO G 49 -8.96 26.90 -8.79
C PRO G 49 -10.48 26.92 -8.90
N VAL G 50 -11.02 27.52 -9.95
CA VAL G 50 -12.47 27.56 -10.11
C VAL G 50 -13.04 26.15 -10.27
N TYR G 51 -12.40 25.36 -11.15
CA TYR G 51 -12.86 23.98 -11.35
C TYR G 51 -12.80 23.18 -10.05
N LEU G 52 -11.67 23.27 -9.35
CA LEU G 52 -11.49 22.48 -8.13
C LEU G 52 -12.49 22.88 -7.06
N ALA G 53 -12.71 24.19 -6.89
CA ALA G 53 -13.67 24.66 -5.89
C ALA G 53 -15.07 24.20 -6.21
N ALA G 54 -15.47 24.24 -7.49
CA ALA G 54 -16.79 23.77 -7.87
C ALA G 54 -16.95 22.29 -7.53
N VAL G 55 -15.94 21.48 -7.85
CA VAL G 55 -16.05 20.05 -7.59
C VAL G 55 -16.17 19.78 -6.09
N LEU G 56 -15.34 20.45 -5.29
CA LEU G 56 -15.38 20.23 -3.84
C LEU G 56 -16.73 20.63 -3.26
N GLU G 57 -17.27 21.77 -3.71
CA GLU G 57 -18.58 22.20 -3.25
C GLU G 57 -19.66 21.18 -3.60
N TYR G 58 -19.60 20.62 -4.81
CA TYR G 58 -20.59 19.63 -5.21
C TYR G 58 -20.55 18.41 -4.31
N LEU G 59 -19.34 17.89 -4.05
CA LEU G 59 -19.23 16.69 -3.21
C LEU G 59 -19.74 16.96 -1.79
N THR G 60 -19.38 18.13 -1.24
CA THR G 60 -19.85 18.49 0.09
C THR G 60 -21.37 18.55 0.13
N ALA G 61 -21.98 19.15 -0.89
CA ALA G 61 -23.44 19.25 -0.93
C ALA G 61 -24.09 17.88 -0.96
N GLU G 62 -23.55 16.95 -1.76
CA GLU G 62 -24.11 15.61 -1.83
C GLU G 62 -24.09 14.92 -0.47
N ILE G 63 -22.90 14.88 0.15
CA ILE G 63 -22.79 14.19 1.43
C ILE G 63 -23.68 14.84 2.48
N LEU G 64 -23.74 16.17 2.50
CA LEU G 64 -24.52 16.85 3.52
C LEU G 64 -26.02 16.61 3.32
N GLU G 65 -26.49 16.55 2.07
CA GLU G 65 -27.90 16.28 1.85
C GLU G 65 -28.27 14.89 2.35
N LEU G 66 -27.45 13.89 2.02
CA LEU G 66 -27.74 12.54 2.50
C LEU G 66 -27.72 12.47 4.03
N ALA G 67 -26.73 13.12 4.65
CA ALA G 67 -26.63 13.09 6.10
C ALA G 67 -27.80 13.82 6.76
N GLY G 68 -28.27 14.91 6.15
CA GLY G 68 -29.42 15.61 6.71
C GLY G 68 -30.69 14.79 6.64
N ASN G 69 -30.88 14.06 5.52
CA ASN G 69 -32.02 13.16 5.45
C ASN G 69 -31.93 12.08 6.53
N ALA G 70 -30.73 11.52 6.73
CA ALA G 70 -30.56 10.52 7.79
C ALA G 70 -30.85 11.11 9.16
N ALA G 71 -30.42 12.34 9.41
CA ALA G 71 -30.67 12.98 10.69
C ALA G 71 -32.16 13.20 10.92
N ARG G 72 -32.88 13.61 9.88
CA ARG G 72 -34.32 13.78 10.01
C ARG G 72 -35.02 12.45 10.28
N ASP G 73 -34.52 11.36 9.69
CA ASP G 73 -35.13 10.05 9.92
C ASP G 73 -35.14 9.69 11.41
N ASN G 74 -34.18 10.20 12.18
CA ASN G 74 -34.07 9.88 13.60
C ASN G 74 -34.76 10.91 14.48
N LYS G 75 -35.59 11.79 13.91
CA LYS G 75 -36.25 12.88 14.65
C LYS G 75 -35.23 13.73 15.41
N LYS G 76 -34.13 14.06 14.74
CA LYS G 76 -33.08 14.89 15.30
C LYS G 76 -32.91 16.16 14.46
N THR G 77 -32.30 17.17 15.06
CA THR G 77 -32.01 18.42 14.40
C THR G 77 -30.55 18.55 13.97
N ARG G 78 -29.62 18.20 14.84
CA ARG G 78 -28.20 18.33 14.57
C ARG G 78 -27.64 17.04 13.99
N ILE G 79 -26.61 17.18 13.15
CA ILE G 79 -25.96 16.05 12.51
C ILE G 79 -24.79 15.61 13.39
N ILE G 80 -24.67 14.30 13.59
CA ILE G 80 -23.60 13.70 14.37
C ILE G 80 -22.87 12.68 13.49
N PRO G 81 -21.67 12.23 13.85
CA PRO G 81 -20.94 11.31 12.96
C PRO G 81 -21.70 10.05 12.60
N ARG G 82 -22.65 9.62 13.44
CA ARG G 82 -23.46 8.46 13.10
C ARG G 82 -24.25 8.70 11.82
N HIS G 83 -24.80 9.91 11.67
CA HIS G 83 -25.58 10.22 10.47
C HIS G 83 -24.70 10.25 9.23
N LEU G 84 -23.49 10.79 9.36
CA LEU G 84 -22.56 10.78 8.22
C LEU G 84 -22.20 9.34 7.83
N GLN G 85 -21.95 8.48 8.82
CA GLN G 85 -21.65 7.09 8.52
C GLN G 85 -22.82 6.40 7.84
N LEU G 86 -24.04 6.65 8.32
CA LEU G 86 -25.21 6.06 7.69
C LEU G 86 -25.38 6.55 6.25
N ALA G 87 -25.14 7.85 6.02
CA ALA G 87 -25.27 8.40 4.68
C ALA G 87 -24.25 7.80 3.72
N VAL G 88 -23.00 7.67 4.15
CA VAL G 88 -21.95 7.20 3.25
C VAL G 88 -22.14 5.73 2.92
N ARG G 89 -22.43 4.90 3.91
CA ARG G 89 -22.43 3.47 3.71
C ARG G 89 -23.64 2.98 2.90
N ASN G 90 -24.69 3.80 2.79
CA ASN G 90 -25.90 3.39 2.10
C ASN G 90 -25.93 3.81 0.63
N ASP G 91 -24.91 4.52 0.15
CA ASP G 91 -24.84 4.93 -1.25
C ASP G 91 -23.65 4.25 -1.91
N GLU G 92 -23.88 3.69 -3.11
CA GLU G 92 -22.86 2.87 -3.75
C GLU G 92 -21.66 3.71 -4.19
N GLU G 93 -21.91 4.86 -4.80
CA GLU G 93 -20.82 5.69 -5.30
C GLU G 93 -19.96 6.23 -4.15
N LEU G 94 -20.61 6.75 -3.11
CA LEU G 94 -19.86 7.23 -1.95
C LEU G 94 -19.12 6.10 -1.26
N ASN G 95 -19.74 4.92 -1.18
CA ASN G 95 -19.07 3.77 -0.59
C ASN G 95 -17.82 3.39 -1.37
N LYS G 96 -17.89 3.44 -2.70
CA LYS G 96 -16.72 3.18 -3.52
C LYS G 96 -15.65 4.25 -3.30
N LEU G 97 -16.05 5.52 -3.21
CA LEU G 97 -15.08 6.58 -3.01
C LEU G 97 -14.42 6.48 -1.64
N LEU G 98 -15.22 6.38 -0.58
CA LEU G 98 -14.70 6.26 0.77
C LEU G 98 -14.64 4.80 1.21
N GLY G 99 -13.93 4.00 0.43
CA GLY G 99 -13.84 2.58 0.69
C GLY G 99 -12.89 2.21 1.81
N ARG G 100 -11.76 2.90 1.90
CA ARG G 100 -10.71 2.60 2.87
C ARG G 100 -10.61 3.71 3.93
N VAL G 101 -11.76 4.23 4.37
CA VAL G 101 -11.82 5.35 5.30
C VAL G 101 -12.61 4.89 6.53
N THR G 102 -12.08 5.17 7.71
CA THR G 102 -12.76 4.89 8.96
C THR G 102 -13.24 6.20 9.57
N ILE G 103 -14.53 6.28 9.86
CA ILE G 103 -15.15 7.46 10.43
C ILE G 103 -15.28 7.27 11.93
N ALA G 104 -14.63 8.14 12.70
CA ALA G 104 -14.63 7.99 14.14
C ALA G 104 -16.03 8.17 14.72
N GLN G 105 -16.36 7.35 15.72
CA GLN G 105 -17.66 7.38 16.38
C GLN G 105 -18.79 7.18 15.37
N GLY G 106 -18.57 6.29 14.40
CA GLY G 106 -19.55 6.06 13.36
C GLY G 106 -20.45 4.86 13.58
N GLY G 107 -19.87 3.72 13.92
CA GLY G 107 -20.62 2.50 14.07
C GLY G 107 -20.60 1.65 12.81
N VAL G 108 -21.60 0.77 12.69
CA VAL G 108 -21.74 -0.11 11.55
C VAL G 108 -23.19 -0.15 11.10
N LEU G 109 -23.40 -0.59 9.87
CA LEU G 109 -24.75 -0.80 9.36
C LEU G 109 -25.34 -2.04 10.01
N PRO G 110 -26.61 -2.00 10.46
CA PRO G 110 -27.24 -3.21 10.98
C PRO G 110 -27.43 -4.23 9.87
N ASN G 111 -26.92 -5.44 10.11
CA ASN G 111 -26.98 -6.49 9.10
C ASN G 111 -26.76 -7.81 9.84
N ILE G 112 -27.68 -8.75 9.68
CA ILE G 112 -27.57 -10.10 10.25
C ILE G 112 -27.74 -11.11 9.12
N GLN G 113 -26.83 -12.08 9.06
CA GLN G 113 -26.93 -13.13 8.04
C GLN G 113 -28.21 -13.93 8.24
N SER G 114 -28.81 -14.34 7.12
CA SER G 114 -30.11 -15.01 7.16
C SER G 114 -30.04 -16.39 7.80
N VAL G 115 -28.86 -17.01 7.83
CA VAL G 115 -28.75 -18.35 8.42
C VAL G 115 -28.93 -18.30 9.94
N LEU G 116 -28.43 -17.24 10.59
CA LEU G 116 -28.44 -17.17 12.04
C LEU G 116 -29.83 -16.90 12.63
N LEU G 117 -30.79 -16.46 11.81
CA LEU G 117 -32.11 -16.14 12.33
C LEU G 117 -32.85 -17.41 12.72
N PRO G 118 -33.72 -17.35 13.73
CA PRO G 118 -34.46 -18.54 14.14
C PRO G 118 -35.49 -18.96 13.11
N LYS G 119 -35.85 -20.23 13.16
CA LYS G 119 -36.80 -20.80 12.21
C LYS G 119 -38.15 -21.06 12.87
N THR H 30 -1.85 31.33 17.60
CA THR H 30 -1.72 31.54 16.17
C THR H 30 -3.02 31.20 15.45
N ARG H 31 -3.27 31.90 14.33
CA ARG H 31 -4.46 31.64 13.55
C ARG H 31 -4.39 30.27 12.88
N LYS H 32 -5.52 29.56 12.90
CA LYS H 32 -5.64 28.26 12.24
C LYS H 32 -6.83 28.30 11.31
N GLU H 33 -6.58 28.07 10.02
CA GLU H 33 -7.63 28.14 9.01
C GLU H 33 -8.28 26.78 8.81
N SER H 34 -9.53 26.80 8.33
CA SER H 34 -10.30 25.58 8.14
C SER H 34 -11.44 25.89 7.17
N TYR H 35 -12.22 24.85 6.84
CA TYR H 35 -13.31 24.94 5.89
C TYR H 35 -14.67 25.06 6.56
N ALA H 36 -14.71 25.41 7.84
CA ALA H 36 -15.95 25.31 8.61
C ALA H 36 -17.03 26.23 8.06
N ILE H 37 -16.68 27.49 7.76
CA ILE H 37 -17.70 28.46 7.38
C ILE H 37 -18.32 28.10 6.03
N TYR H 38 -17.51 27.67 5.08
CA TYR H 38 -18.04 27.32 3.76
C TYR H 38 -18.90 26.06 3.83
N VAL H 39 -18.49 25.09 4.63
CA VAL H 39 -19.32 23.90 4.85
C VAL H 39 -20.66 24.28 5.47
N TYR H 40 -20.63 25.19 6.45
CA TYR H 40 -21.89 25.61 7.07
C TYR H 40 -22.78 26.36 6.09
N LYS H 41 -22.18 27.19 5.23
CA LYS H 41 -22.98 27.90 4.24
C LYS H 41 -23.63 26.93 3.26
N VAL H 42 -22.87 25.92 2.82
CA VAL H 42 -23.43 24.90 1.94
C VAL H 42 -24.57 24.16 2.63
N LEU H 43 -24.38 23.82 3.91
CA LEU H 43 -25.43 23.11 4.64
C LEU H 43 -26.68 23.97 4.79
N LYS H 44 -26.53 25.24 5.13
CA LYS H 44 -27.68 26.12 5.24
C LYS H 44 -28.37 26.33 3.90
N GLN H 45 -27.62 26.18 2.80
CA GLN H 45 -28.26 26.26 1.49
C GLN H 45 -29.02 24.98 1.17
N VAL H 46 -28.51 23.83 1.61
CA VAL H 46 -29.15 22.55 1.29
C VAL H 46 -30.31 22.29 2.25
N HIS H 47 -30.03 22.23 3.55
CA HIS H 47 -31.05 22.04 4.57
C HIS H 47 -31.09 23.27 5.46
N PRO H 48 -32.05 24.16 5.27
CA PRO H 48 -32.04 25.45 5.98
C PRO H 48 -32.51 25.39 7.43
N ASP H 49 -32.64 24.21 8.03
CA ASP H 49 -33.13 24.13 9.39
C ASP H 49 -32.23 23.29 10.29
N THR H 50 -31.48 22.36 9.71
CA THR H 50 -30.61 21.50 10.50
C THR H 50 -29.33 22.22 10.88
N GLY H 51 -28.67 21.70 11.92
CA GLY H 51 -27.37 22.16 12.33
C GLY H 51 -26.31 21.07 12.19
N ILE H 52 -25.15 21.35 12.77
CA ILE H 52 -24.05 20.39 12.77
C ILE H 52 -23.29 20.51 14.08
N SER H 53 -22.75 19.38 14.54
CA SER H 53 -22.01 19.34 15.79
C SER H 53 -20.54 19.67 15.54
N SER H 54 -19.69 19.47 16.55
CA SER H 54 -18.28 19.80 16.43
C SER H 54 -17.45 18.67 15.85
N LYS H 55 -17.81 17.42 16.14
CA LYS H 55 -17.06 16.28 15.60
C LYS H 55 -17.39 16.06 14.13
N ALA H 56 -18.65 16.27 13.75
CA ALA H 56 -19.03 16.15 12.34
C ALA H 56 -18.31 17.20 11.50
N MET H 57 -18.11 18.40 12.05
CA MET H 57 -17.35 19.41 11.34
C MET H 57 -15.90 18.98 11.12
N SER H 58 -15.30 18.35 12.13
CA SER H 58 -13.95 17.82 11.96
C SER H 58 -13.90 16.77 10.86
N ILE H 59 -14.90 15.88 10.85
CA ILE H 59 -14.95 14.85 9.81
C ILE H 59 -15.07 15.48 8.43
N MET H 60 -15.92 16.50 8.29
CA MET H 60 -16.09 17.17 7.00
C MET H 60 -14.80 17.85 6.56
N ASN H 61 -14.11 18.48 7.50
CA ASN H 61 -12.82 19.11 7.20
C ASN H 61 -11.83 18.09 6.67
N SER H 62 -11.71 16.95 7.35
CA SER H 62 -10.81 15.90 6.90
C SER H 62 -11.20 15.39 5.51
N PHE H 63 -12.51 15.25 5.26
CA PHE H 63 -12.97 14.77 3.96
C PHE H 63 -12.56 15.73 2.84
N VAL H 64 -12.78 17.03 3.06
CA VAL H 64 -12.45 18.02 2.03
C VAL H 64 -10.96 18.01 1.76
N ASN H 65 -10.15 17.98 2.83
CA ASN H 65 -8.70 17.97 2.63
C ASN H 65 -8.25 16.72 1.87
N ASP H 66 -8.82 15.57 2.21
CA ASP H 66 -8.43 14.32 1.54
C ASP H 66 -8.74 14.37 0.05
N VAL H 67 -9.94 14.81 -0.31
CA VAL H 67 -10.31 14.86 -1.72
C VAL H 67 -9.44 15.86 -2.48
N PHE H 68 -9.18 17.02 -1.86
CA PHE H 68 -8.29 18.01 -2.47
C PHE H 68 -6.93 17.40 -2.79
N GLU H 69 -6.33 16.72 -1.80
CA GLU H 69 -5.00 16.15 -2.02
C GLU H 69 -5.02 15.12 -3.13
N ARG H 70 -6.04 14.24 -3.15
CA ARG H 70 -6.10 13.21 -4.19
C ARG H 70 -6.15 13.84 -5.58
N ILE H 71 -7.07 14.78 -5.78
CA ILE H 71 -7.23 15.37 -7.11
C ILE H 71 -5.96 16.13 -7.52
N ALA H 72 -5.37 16.88 -6.59
CA ALA H 72 -4.18 17.65 -6.93
C ALA H 72 -3.02 16.75 -7.30
N GLY H 73 -2.82 15.65 -6.56
CA GLY H 73 -1.73 14.74 -6.88
C GLY H 73 -1.90 14.09 -8.25
N GLU H 74 -3.13 13.64 -8.55
CA GLU H 74 -3.35 13.04 -9.86
C GLU H 74 -3.12 14.06 -10.98
N ALA H 75 -3.55 15.30 -10.79
CA ALA H 75 -3.33 16.32 -11.81
C ALA H 75 -1.85 16.58 -12.02
N SER H 76 -1.08 16.64 -10.92
CA SER H 76 0.36 16.86 -11.05
C SER H 76 1.03 15.73 -11.81
N ARG H 77 0.65 14.48 -11.49
CA ARG H 77 1.22 13.34 -12.22
C ARG H 77 0.85 13.40 -13.71
N LEU H 78 -0.40 13.77 -14.02
CA LEU H 78 -0.82 13.90 -15.40
C LEU H 78 0.03 14.93 -16.13
N ALA H 79 0.26 16.09 -15.52
CA ALA H 79 1.09 17.11 -16.15
C ALA H 79 2.52 16.62 -16.33
N HIS H 80 3.04 15.85 -15.38
CA HIS H 80 4.40 15.33 -15.50
C HIS H 80 4.51 14.33 -16.64
N TYR H 81 3.48 13.53 -16.87
CA TYR H 81 3.55 12.51 -17.92
C TYR H 81 3.72 13.13 -19.29
N ASN H 82 3.00 14.21 -19.58
CA ASN H 82 2.97 14.81 -20.91
C ASN H 82 4.01 15.90 -21.10
N LYS H 83 4.95 16.04 -20.17
CA LYS H 83 6.03 17.02 -20.26
C LYS H 83 5.49 18.45 -20.33
N ARG H 84 4.66 18.79 -19.34
CA ARG H 84 4.13 20.14 -19.19
C ARG H 84 4.52 20.69 -17.82
N SER H 85 4.71 22.01 -17.76
CA SER H 85 5.10 22.68 -16.53
C SER H 85 3.96 23.47 -15.90
N THR H 86 2.74 23.30 -16.39
CA THR H 86 1.59 24.03 -15.87
C THR H 86 0.45 23.08 -15.57
N ILE H 87 -0.42 23.49 -14.66
CA ILE H 87 -1.64 22.78 -14.34
C ILE H 87 -2.81 23.65 -14.79
N THR H 88 -3.65 23.11 -15.66
CA THR H 88 -4.80 23.81 -16.21
C THR H 88 -6.08 23.07 -15.82
N SER H 89 -7.21 23.55 -16.35
CA SER H 89 -8.49 22.90 -16.05
C SER H 89 -8.62 21.55 -16.75
N ARG H 90 -7.86 21.31 -17.83
CA ARG H 90 -7.87 20.00 -18.48
C ARG H 90 -7.33 18.93 -17.55
N GLU H 91 -6.24 19.24 -16.83
CA GLU H 91 -5.69 18.28 -15.88
C GLU H 91 -6.70 17.98 -14.77
N ILE H 92 -7.39 19.00 -14.28
CA ILE H 92 -8.39 18.82 -13.23
C ILE H 92 -9.54 17.95 -13.74
N GLN H 93 -9.99 18.21 -14.98
CA GLN H 93 -11.08 17.42 -15.55
C GLN H 93 -10.69 15.96 -15.69
N THR H 94 -9.50 15.69 -16.23
CA THR H 94 -9.07 14.30 -16.37
C THR H 94 -8.87 13.66 -15.01
N ALA H 95 -8.40 14.42 -14.02
CA ALA H 95 -8.21 13.88 -12.68
C ALA H 95 -9.54 13.48 -12.06
N VAL H 96 -10.56 14.32 -12.18
CA VAL H 96 -11.85 13.97 -11.60
C VAL H 96 -12.48 12.81 -12.38
N ARG H 97 -12.19 12.70 -13.68
CA ARG H 97 -12.66 11.53 -14.42
C ARG H 97 -11.98 10.25 -13.93
N LEU H 98 -10.70 10.33 -13.60
CA LEU H 98 -9.98 9.14 -13.16
C LEU H 98 -10.36 8.74 -11.73
N LEU H 99 -10.50 9.71 -10.83
CA LEU H 99 -10.73 9.39 -9.42
C LEU H 99 -12.18 9.05 -9.14
N LEU H 100 -13.10 9.93 -9.53
CA LEU H 100 -14.48 9.78 -9.09
C LEU H 100 -15.16 8.62 -9.83
N PRO H 101 -16.01 7.85 -9.14
CA PRO H 101 -16.72 6.73 -9.80
C PRO H 101 -17.75 7.20 -10.82
N GLY H 102 -18.49 6.26 -11.39
CA GLY H 102 -19.31 6.47 -12.57
C GLY H 102 -20.23 7.68 -12.59
N GLU H 103 -21.26 7.68 -11.73
CA GLU H 103 -22.29 8.71 -11.81
C GLU H 103 -21.89 10.00 -11.11
N LEU H 104 -20.91 9.96 -10.21
CA LEU H 104 -20.42 11.19 -9.58
C LEU H 104 -19.63 12.03 -10.58
N ALA H 105 -18.89 11.38 -11.47
CA ALA H 105 -17.97 12.09 -12.37
C ALA H 105 -18.74 12.99 -13.34
N LYS H 106 -19.86 12.52 -13.88
CA LYS H 106 -20.61 13.32 -14.84
C LYS H 106 -21.09 14.62 -14.21
N HIS H 107 -21.71 14.52 -13.05
CA HIS H 107 -22.25 15.72 -12.40
C HIS H 107 -21.13 16.64 -11.94
N ALA H 108 -20.01 16.07 -11.46
CA ALA H 108 -18.88 16.91 -11.07
C ALA H 108 -18.30 17.67 -12.26
N VAL H 109 -18.19 16.98 -13.40
CA VAL H 109 -17.69 17.63 -14.61
C VAL H 109 -18.63 18.74 -15.04
N SER H 110 -19.94 18.49 -14.99
CA SER H 110 -20.91 19.51 -15.35
C SER H 110 -20.78 20.74 -14.46
N GLU H 111 -20.67 20.52 -13.15
CA GLU H 111 -20.54 21.65 -12.21
C GLU H 111 -19.27 22.45 -12.47
N GLY H 112 -18.14 21.75 -12.68
CA GLY H 112 -16.89 22.44 -12.92
C GLY H 112 -16.92 23.25 -14.20
N THR H 113 -17.47 22.67 -15.27
CA THR H 113 -17.56 23.39 -16.54
C THR H 113 -18.47 24.61 -16.41
N LYS H 114 -19.60 24.47 -15.72
CA LYS H 114 -20.49 25.62 -15.53
C LYS H 114 -19.80 26.72 -14.76
N ALA H 115 -19.07 26.36 -13.69
CA ALA H 115 -18.38 27.37 -12.90
C ALA H 115 -17.32 28.10 -13.72
N VAL H 116 -16.55 27.35 -14.51
CA VAL H 116 -15.50 27.98 -15.31
C VAL H 116 -16.11 28.89 -16.38
N THR H 117 -17.19 28.45 -17.02
CA THR H 117 -17.85 29.29 -18.01
C THR H 117 -18.37 30.58 -17.39
N CYS H 118 -19.01 30.47 -16.22
CA CYS H 118 -19.51 31.66 -15.53
C CYS H 118 -18.37 32.60 -15.15
N TYR H 119 -17.25 32.05 -14.68
CA TYR H 119 -16.11 32.89 -14.32
C TYR H 119 -15.56 33.61 -15.53
N THR H 120 -15.44 32.91 -16.67
CA THR H 120 -14.92 33.55 -17.88
C THR H 120 -15.86 34.63 -18.39
N SER H 121 -17.17 34.38 -18.35
CA SER H 121 -18.12 35.36 -18.88
C SER H 121 -18.07 36.67 -18.10
N ALA H 122 -17.98 36.60 -16.77
CA ALA H 122 -17.92 37.79 -15.95
C ALA H 122 -16.52 38.38 -15.91
N MET K 5 30.78 -16.88 20.18
CA MET K 5 29.78 -16.26 19.33
C MET K 5 30.53 -15.59 18.16
N GLN K 6 29.85 -15.50 17.01
CA GLN K 6 30.49 -15.11 15.76
C GLN K 6 29.72 -13.95 15.12
N ILE K 7 30.46 -13.05 14.49
CA ILE K 7 29.90 -11.90 13.80
C ILE K 7 30.52 -11.83 12.40
N PHE K 8 29.91 -11.00 11.55
CA PHE K 8 30.38 -10.83 10.18
C PHE K 8 30.67 -9.36 9.89
N VAL K 9 31.85 -9.13 9.31
CA VAL K 9 32.32 -7.79 8.94
C VAL K 9 32.28 -7.69 7.43
N LYS K 10 31.68 -6.60 6.93
CA LYS K 10 31.58 -6.33 5.50
C LYS K 10 32.48 -5.18 5.12
N THR K 11 33.19 -5.33 4.00
CA THR K 11 34.08 -4.31 3.47
C THR K 11 33.50 -3.70 2.21
N LEU K 12 34.14 -2.62 1.74
CA LEU K 12 33.70 -1.94 0.53
C LEU K 12 33.88 -2.79 -0.72
N THR K 13 34.77 -3.78 -0.69
CA THR K 13 35.02 -4.64 -1.84
C THR K 13 34.04 -5.80 -1.93
N GLY K 14 32.99 -5.81 -1.11
CA GLY K 14 32.08 -6.92 -1.08
C GLY K 14 32.56 -8.14 -0.33
N LYS K 15 33.71 -8.03 0.34
CA LYS K 15 34.28 -9.15 1.08
C LYS K 15 33.66 -9.21 2.47
N THR K 16 33.10 -10.36 2.81
CA THR K 16 32.51 -10.59 4.13
C THR K 16 33.38 -11.59 4.88
N ILE K 17 33.85 -11.19 6.06
CA ILE K 17 34.72 -12.02 6.87
C ILE K 17 34.01 -12.35 8.18
N THR K 18 34.44 -13.44 8.81
CA THR K 18 33.84 -13.91 10.05
C THR K 18 34.81 -13.69 11.20
N LEU K 19 34.29 -13.21 12.33
CA LEU K 19 35.07 -12.94 13.52
C LEU K 19 34.50 -13.70 14.71
N GLU K 20 35.38 -14.32 15.48
CA GLU K 20 35.03 -15.00 16.72
C GLU K 20 35.44 -14.12 17.89
N VAL K 21 34.47 -13.47 18.52
CA VAL K 21 34.68 -12.57 19.63
C VAL K 21 33.64 -12.87 20.70
N GLU K 22 33.69 -12.11 21.80
CA GLU K 22 32.83 -12.31 22.95
C GLU K 22 31.98 -11.05 23.20
N PRO K 23 30.84 -11.21 23.87
CA PRO K 23 30.03 -10.02 24.20
C PRO K 23 30.77 -9.00 25.05
N SER K 24 31.63 -9.45 25.96
CA SER K 24 32.40 -8.55 26.79
C SER K 24 33.65 -8.00 26.09
N ASP K 25 33.97 -8.49 24.90
CA ASP K 25 35.12 -7.99 24.16
C ASP K 25 34.90 -6.54 23.77
N THR K 26 35.94 -5.73 23.96
CA THR K 26 35.86 -4.32 23.59
C THR K 26 36.11 -4.14 22.10
N ILE K 27 35.75 -2.95 21.61
CA ILE K 27 35.93 -2.64 20.19
C ILE K 27 37.41 -2.64 19.82
N GLU K 28 38.29 -2.28 20.75
CA GLU K 28 39.73 -2.33 20.48
C GLU K 28 40.21 -3.76 20.27
N ASN K 29 39.67 -4.71 21.04
CA ASN K 29 40.01 -6.12 20.84
C ASN K 29 39.48 -6.64 19.50
N VAL K 30 38.23 -6.32 19.17
CA VAL K 30 37.68 -6.66 17.85
C VAL K 30 38.58 -6.14 16.76
N LYS K 31 38.99 -4.88 16.91
CA LYS K 31 39.88 -4.30 15.92
C LYS K 31 41.19 -5.09 15.82
N ALA K 32 41.82 -5.36 16.97
CA ALA K 32 43.10 -6.09 16.96
C ALA K 32 42.97 -7.43 16.24
N LYS K 33 41.86 -8.14 16.48
CA LYS K 33 41.59 -9.37 15.77
C LYS K 33 41.48 -9.14 14.26
N ILE K 34 40.85 -8.03 13.86
CA ILE K 34 40.66 -7.78 12.43
C ILE K 34 41.99 -7.50 11.75
N GLN K 35 42.90 -6.79 12.42
CA GLN K 35 44.24 -6.62 11.86
C GLN K 35 44.97 -7.94 11.77
N ASP K 36 44.87 -8.76 12.83
CA ASP K 36 45.58 -10.04 12.83
C ASP K 36 45.12 -10.92 11.67
N LYS K 37 43.83 -10.92 11.38
CA LYS K 37 43.28 -11.75 10.31
C LYS K 37 43.26 -11.06 8.95
N GLU K 38 43.52 -9.76 8.88
CA GLU K 38 43.45 -9.05 7.60
C GLU K 38 44.59 -8.05 7.35
N GLY K 39 45.34 -7.63 8.36
CA GLY K 39 46.47 -6.74 8.16
C GLY K 39 46.16 -5.26 8.08
N ILE K 40 44.92 -4.85 8.37
CA ILE K 40 44.53 -3.45 8.27
C ILE K 40 44.86 -2.71 9.57
N PRO K 41 45.47 -1.53 9.49
CA PRO K 41 46.01 -0.87 10.71
C PRO K 41 44.91 -0.35 11.62
N PRO K 42 45.24 -0.09 12.89
CA PRO K 42 44.20 0.36 13.85
C PRO K 42 43.59 1.71 13.52
N ASP K 43 44.40 2.65 13.06
CA ASP K 43 43.96 4.02 12.87
C ASP K 43 42.98 4.16 11.71
N GLN K 44 43.06 3.29 10.71
CA GLN K 44 42.29 3.45 9.48
C GLN K 44 40.88 2.85 9.55
N GLN K 45 40.58 1.99 10.52
CA GLN K 45 39.31 1.29 10.52
C GLN K 45 38.24 2.04 11.30
N ARG K 46 37.06 2.19 10.70
CA ARG K 46 35.90 2.77 11.35
C ARG K 46 34.75 1.78 11.24
N LEU K 47 34.09 1.51 12.37
CA LEU K 47 33.06 0.48 12.45
C LEU K 47 31.69 1.14 12.54
N ILE K 48 30.76 0.69 11.70
CA ILE K 48 29.40 1.20 11.67
C ILE K 48 28.44 0.05 11.97
N PHE K 49 27.58 0.26 12.95
CA PHE K 49 26.53 -0.71 13.30
C PHE K 49 25.29 0.05 13.69
N ALA K 50 24.17 -0.26 13.04
CA ALA K 50 22.88 0.42 13.27
C ALA K 50 23.00 1.92 13.07
N GLY K 51 23.83 2.34 12.12
CA GLY K 51 24.00 3.76 11.82
C GLY K 51 24.83 4.53 12.81
N LYS K 52 25.48 3.86 13.76
CA LYS K 52 26.30 4.52 14.77
C LYS K 52 27.74 4.05 14.65
N GLN K 53 28.67 4.96 14.90
CA GLN K 53 30.10 4.64 14.86
C GLN K 53 30.52 4.13 16.23
N LEU K 54 31.13 2.95 16.27
CA LEU K 54 31.52 2.33 17.52
C LEU K 54 32.75 3.01 18.11
N GLU K 55 32.88 2.91 19.43
CA GLU K 55 33.99 3.49 20.17
C GLU K 55 34.88 2.40 20.74
N ASP K 56 36.20 2.60 20.62
CA ASP K 56 37.15 1.57 21.02
C ASP K 56 37.02 1.22 22.50
N GLY K 57 36.74 2.22 23.33
CA GLY K 57 36.63 1.98 24.77
C GLY K 57 35.38 1.24 25.20
N ARG K 58 34.39 1.12 24.31
CA ARG K 58 33.16 0.42 24.62
C ARG K 58 33.28 -1.06 24.28
N THR K 59 32.36 -1.85 24.83
CA THR K 59 32.28 -3.27 24.58
C THR K 59 31.13 -3.58 23.63
N LEU K 60 31.12 -4.81 23.11
CA LEU K 60 30.09 -5.22 22.17
C LEU K 60 28.72 -5.29 22.84
N SER K 61 28.67 -5.75 24.10
CA SER K 61 27.40 -5.80 24.81
C SER K 61 26.82 -4.41 25.04
N ASP K 62 27.65 -3.37 25.02
CA ASP K 62 27.14 -2.02 25.18
C ASP K 62 26.23 -1.62 24.02
N TYR K 63 26.60 -2.00 22.80
CA TYR K 63 25.83 -1.68 21.62
C TYR K 63 24.79 -2.74 21.26
N ASN K 64 24.56 -3.70 22.15
CA ASN K 64 23.56 -4.76 21.95
C ASN K 64 23.82 -5.54 20.66
N ILE K 65 25.09 -5.81 20.39
CA ILE K 65 25.47 -6.63 19.24
C ILE K 65 25.35 -8.09 19.64
N GLN K 66 24.38 -8.80 19.05
CA GLN K 66 24.08 -10.17 19.40
C GLN K 66 24.82 -11.13 18.47
N LYS K 67 24.49 -12.41 18.56
CA LYS K 67 25.13 -13.42 17.72
C LYS K 67 24.70 -13.25 16.27
N GLU K 68 25.62 -13.59 15.37
CA GLU K 68 25.38 -13.55 13.92
C GLU K 68 25.01 -12.14 13.45
N SER K 69 25.50 -11.13 14.15
CA SER K 69 25.26 -9.75 13.72
C SER K 69 26.24 -9.37 12.61
N THR K 70 25.94 -8.27 11.94
CA THR K 70 26.75 -7.77 10.84
C THR K 70 27.17 -6.34 11.11
N LEU K 71 28.43 -6.02 10.85
CA LEU K 71 28.94 -4.66 10.97
C LEU K 71 29.70 -4.29 9.71
N HIS K 72 29.64 -3.01 9.37
CA HIS K 72 30.22 -2.48 8.14
C HIS K 72 31.54 -1.81 8.47
N LEU K 73 32.59 -2.17 7.74
CA LEU K 73 33.93 -1.65 7.96
C LEU K 73 34.21 -0.52 6.98
N VAL K 74 34.67 0.61 7.50
CA VAL K 74 35.03 1.77 6.70
C VAL K 74 36.52 2.01 6.85
N LEU K 75 37.22 2.11 5.73
CA LEU K 75 38.64 2.44 5.73
C LEU K 75 38.81 3.95 5.59
N ARG K 76 39.55 4.54 6.52
CA ARG K 76 39.78 5.99 6.53
C ARG K 76 41.26 6.24 6.25
N LEU K 77 41.53 6.94 5.16
CA LEU K 77 42.91 7.21 4.76
C LEU K 77 43.20 8.71 4.78
#